data_9MFE
#
_entry.id   9MFE
#
_cell.length_a   1.00
_cell.length_b   1.00
_cell.length_c   1.00
_cell.angle_alpha   90.00
_cell.angle_beta   90.00
_cell.angle_gamma   90.00
#
_symmetry.space_group_name_H-M   'P 1'
#
_entity_poly.entity_id   1
_entity_poly.type   'polypeptide(L)'
_entity_poly.pdbx_seq_one_letter_code
;MPTPNPLPVKGAGTTLWVYKGNGDPYANPLSDVDWSRLAKVKDLTPGELTAESYDDSYLDDEDADWTATGQGQKSAGDTS
FTLAWMPGEQGQQALLAWFNEGDTRAYKIRFPNGTVDVFRGWVSSIGKAVTAKEVITRTVKVTNVGRPSMAEDRSTVTAA
TGMTVTPASASVVKGQSTTLTVAFQPEGATDKSFRAVSSDKTKATVSVSGMTITVNGVAAGKVNIPVVSGNGEFAAVAEI
TVTAS
;
_entity_poly.pdbx_strand_id   A,B,C,D,E,F
#
# COMPACT_ATOMS: atom_id res chain seq x y z
N MET A 1 22.29 26.63 27.72
CA MET A 1 23.06 25.41 27.91
C MET A 1 22.67 24.62 29.17
N PRO A 2 22.48 25.29 30.32
CA PRO A 2 21.93 24.57 31.49
C PRO A 2 20.57 23.97 31.16
N THR A 3 20.45 22.68 31.41
CA THR A 3 19.33 21.89 30.89
C THR A 3 18.00 22.30 31.54
N PRO A 4 17.11 22.97 30.80
CA PRO A 4 15.79 23.29 31.36
C PRO A 4 14.77 22.20 31.07
N ASN A 5 14.24 21.56 32.11
CA ASN A 5 13.13 20.63 31.90
C ASN A 5 11.87 21.33 31.41
N PRO A 6 11.43 22.45 31.99
CA PRO A 6 10.21 23.09 31.48
C PRO A 6 10.33 23.66 30.08
N LEU A 7 11.55 23.78 29.55
CA LEU A 7 11.62 24.39 28.23
C LEU A 7 11.89 23.34 27.16
N PRO A 8 11.36 23.52 25.95
CA PRO A 8 11.65 22.57 24.87
C PRO A 8 13.12 22.59 24.49
N VAL A 9 13.62 21.44 24.05
CA VAL A 9 15.03 21.27 23.73
C VAL A 9 15.15 20.58 22.37
N LYS A 10 16.30 20.78 21.74
CA LYS A 10 16.63 20.09 20.51
C LYS A 10 17.15 18.70 20.81
N GLY A 11 17.04 17.81 19.83
CA GLY A 11 17.37 16.41 20.07
C GLY A 11 18.85 16.12 20.06
N ALA A 12 19.65 17.07 19.59
CA ALA A 12 21.10 16.88 19.49
C ALA A 12 21.72 16.63 20.85
N GLY A 13 22.45 15.51 20.97
CA GLY A 13 23.08 15.13 22.21
C GLY A 13 22.51 13.90 22.87
N THR A 14 21.49 13.28 22.29
CA THR A 14 20.90 12.09 22.87
C THR A 14 21.88 10.92 22.81
N THR A 15 21.97 10.17 23.91
CA THR A 15 22.89 9.06 24.02
C THR A 15 22.14 7.80 24.46
N LEU A 16 22.75 6.64 24.23
CA LEU A 16 22.18 5.36 24.58
C LEU A 16 23.11 4.62 25.53
N TRP A 17 22.50 3.80 26.40
CA TRP A 17 23.26 3.01 27.36
C TRP A 17 22.57 1.67 27.56
N VAL A 18 23.36 0.69 27.98
CA VAL A 18 22.89 -0.66 28.29
C VAL A 18 23.41 -1.03 29.67
N TYR A 19 22.56 -1.68 30.48
CA TYR A 19 22.93 -2.01 31.84
C TYR A 19 23.98 -3.11 31.85
N LYS A 20 25.01 -2.96 32.69
CA LYS A 20 26.10 -3.91 32.70
C LYS A 20 25.76 -5.18 33.48
N GLY A 21 24.72 -5.13 34.30
CA GLY A 21 24.24 -6.35 34.93
C GLY A 21 24.13 -6.35 36.44
N ASN A 22 24.06 -5.17 37.06
CA ASN A 22 23.83 -5.09 38.49
C ASN A 22 22.32 -5.20 38.75
N GLY A 23 21.89 -4.90 39.97
CA GLY A 23 20.50 -5.00 40.34
C GLY A 23 19.81 -3.63 40.39
N ASP A 24 18.48 -3.68 40.26
CA ASP A 24 17.60 -2.52 40.34
C ASP A 24 17.97 -1.45 39.32
N PRO A 25 17.73 -1.70 38.02
CA PRO A 25 18.03 -0.67 37.02
C PRO A 25 17.18 0.58 37.15
N TYR A 26 15.93 0.47 37.62
CA TYR A 26 15.05 1.63 37.70
C TYR A 26 15.43 2.56 38.84
N ALA A 27 16.20 2.07 39.81
CA ALA A 27 16.63 2.92 40.91
C ALA A 27 17.91 3.65 40.56
N ASN A 28 17.88 4.97 40.72
CA ASN A 28 18.99 5.85 40.38
C ASN A 28 19.40 5.62 38.91
N PRO A 29 18.59 6.07 37.95
CA PRO A 29 18.98 5.97 36.53
C PRO A 29 19.84 7.11 36.03
N LEU A 30 20.07 8.15 36.84
CA LEU A 30 20.82 9.32 36.42
C LEU A 30 22.32 9.19 36.66
N SER A 31 22.78 8.01 37.08
CA SER A 31 24.20 7.75 37.26
C SER A 31 24.64 6.67 36.28
N ASP A 32 25.76 6.92 35.59
CA ASP A 32 26.30 6.00 34.60
C ASP A 32 27.38 5.11 35.17
N VAL A 33 27.28 4.76 36.46
CA VAL A 33 28.36 4.02 37.12
C VAL A 33 28.41 2.57 36.62
N ASP A 34 27.29 2.07 36.08
CA ASP A 34 27.22 0.69 35.62
C ASP A 34 26.47 0.56 34.30
N TRP A 35 26.64 1.53 33.40
CA TRP A 35 25.98 1.52 32.10
C TRP A 35 27.02 1.66 31.01
N SER A 36 27.08 0.69 30.10
CA SER A 36 27.93 0.81 28.93
C SER A 36 27.26 1.70 27.89
N ARG A 37 28.07 2.38 27.09
CA ARG A 37 27.59 3.37 26.14
C ARG A 37 27.66 2.80 24.73
N LEU A 38 26.62 3.06 23.94
CA LEU A 38 26.57 2.69 22.54
C LEU A 38 26.86 3.93 21.72
N ALA A 39 28.12 4.14 21.36
CA ALA A 39 28.54 5.35 20.69
C ALA A 39 28.17 5.31 19.21
N LYS A 40 28.30 6.47 18.56
CA LYS A 40 28.06 6.62 17.13
C LYS A 40 26.64 6.22 16.74
N VAL A 41 25.69 6.99 17.25
CA VAL A 41 24.27 6.77 16.96
C VAL A 41 23.87 7.66 15.79
N LYS A 42 23.33 7.06 14.74
CA LYS A 42 22.87 7.79 13.57
C LYS A 42 21.46 8.34 13.79
N ASP A 43 20.50 7.47 14.10
CA ASP A 43 19.15 7.91 14.42
C ASP A 43 18.55 6.94 15.43
N LEU A 44 17.49 7.41 16.10
CA LEU A 44 16.88 6.66 17.18
C LEU A 44 15.40 7.00 17.24
N THR A 45 14.56 5.97 17.18
CA THR A 45 13.11 6.11 17.33
C THR A 45 12.69 5.37 18.59
N PRO A 46 12.28 6.06 19.65
CA PRO A 46 11.90 5.40 20.89
C PRO A 46 10.60 4.62 20.73
N GLY A 47 10.30 3.83 21.77
CA GLY A 47 9.10 3.02 21.74
C GLY A 47 7.84 3.86 21.81
N GLU A 48 6.77 3.33 21.22
CA GLU A 48 5.47 3.97 21.23
C GLU A 48 4.57 3.22 22.21
N LEU A 49 4.18 3.89 23.30
CA LEU A 49 3.35 3.27 24.31
C LEU A 49 1.90 3.27 23.86
N THR A 50 1.42 2.13 23.39
CA THR A 50 0.06 1.99 22.88
C THR A 50 -0.81 1.29 23.90
N ALA A 51 -2.09 1.16 23.57
CA ALA A 51 -3.04 0.48 24.45
C ALA A 51 -4.17 -0.10 23.62
N GLU A 52 -4.65 -1.26 24.03
CA GLU A 52 -5.74 -1.94 23.33
C GLU A 52 -7.08 -1.48 23.87
N SER A 53 -8.01 -1.17 22.97
CA SER A 53 -9.34 -0.77 23.39
C SER A 53 -10.11 -1.97 23.90
N TYR A 54 -10.79 -1.79 25.03
CA TYR A 54 -11.60 -2.84 25.66
C TYR A 54 -13.07 -2.45 25.56
N ASP A 55 -13.87 -3.35 25.02
CA ASP A 55 -15.28 -3.08 24.79
C ASP A 55 -16.05 -3.11 26.11
N ASP A 56 -16.89 -2.09 26.32
CA ASP A 56 -17.65 -1.96 27.56
C ASP A 56 -19.14 -1.78 27.32
N SER A 57 -19.68 -2.34 26.23
CA SER A 57 -21.09 -2.21 25.92
C SER A 57 -21.83 -3.49 26.28
N TYR A 58 -22.90 -3.34 27.05
CA TYR A 58 -23.78 -4.46 27.40
C TYR A 58 -25.08 -4.33 26.62
N LEU A 59 -25.86 -5.41 26.63
CA LEU A 59 -27.18 -5.37 26.02
C LEU A 59 -28.15 -4.55 26.86
N ASP A 60 -27.92 -4.49 28.18
CA ASP A 60 -28.87 -3.86 29.09
C ASP A 60 -28.79 -2.33 29.07
N ASP A 61 -27.71 -1.75 28.57
CA ASP A 61 -27.56 -0.31 28.63
C ASP A 61 -28.58 0.38 27.73
N GLU A 62 -28.87 1.65 28.04
CA GLU A 62 -29.89 2.38 27.29
C GLU A 62 -29.29 3.12 26.12
N ASP A 63 -28.10 3.69 26.30
CA ASP A 63 -27.45 4.50 25.26
C ASP A 63 -26.61 3.59 24.39
N ALA A 64 -27.19 3.10 23.30
CA ALA A 64 -26.50 2.26 22.34
C ALA A 64 -26.18 2.98 21.04
N ASP A 65 -26.17 4.32 21.07
CA ASP A 65 -25.91 5.10 19.87
C ASP A 65 -24.44 5.41 19.66
N TRP A 66 -23.66 5.50 20.72
CA TRP A 66 -22.25 5.83 20.63
C TRP A 66 -21.41 4.73 21.26
N THR A 67 -20.29 4.41 20.62
CA THR A 67 -19.40 3.38 21.13
C THR A 67 -18.79 3.82 22.45
N ALA A 68 -18.81 2.91 23.42
CA ALA A 68 -18.19 3.14 24.72
C ALA A 68 -17.09 2.10 24.93
N THR A 69 -15.87 2.59 25.18
CA THR A 69 -14.72 1.72 25.34
C THR A 69 -13.91 2.18 26.54
N GLY A 70 -12.87 1.41 26.86
CA GLY A 70 -12.00 1.76 27.97
C GLY A 70 -10.63 1.17 27.75
N GLN A 71 -9.62 1.82 28.31
CA GLN A 71 -8.25 1.39 28.11
C GLN A 71 -8.02 0.00 28.70
N GLY A 72 -7.20 -0.79 28.02
CA GLY A 72 -6.91 -2.13 28.50
C GLY A 72 -5.62 -2.71 27.95
N GLN A 73 -4.78 -3.21 28.85
CA GLN A 73 -3.54 -3.92 28.50
C GLN A 73 -2.63 -3.03 27.65
N LYS A 74 -2.15 -1.97 28.31
CA LYS A 74 -1.19 -1.07 27.69
C LYS A 74 0.10 -1.82 27.38
N SER A 75 0.77 -1.44 26.30
CA SER A 75 1.97 -2.13 25.84
C SER A 75 2.99 -1.12 25.37
N ALA A 76 4.24 -1.26 25.82
CA ALA A 76 5.33 -0.48 25.26
C ALA A 76 5.73 -1.07 23.91
N GLY A 77 6.06 -0.19 22.97
CA GLY A 77 6.34 -0.59 21.61
C GLY A 77 7.79 -0.97 21.39
N ASP A 78 8.23 -0.87 20.14
CA ASP A 78 9.59 -1.20 19.76
C ASP A 78 10.45 0.05 19.66
N THR A 79 11.70 -0.07 20.10
CA THR A 79 12.67 1.02 20.01
C THR A 79 13.71 0.64 18.98
N SER A 80 13.89 1.49 17.97
CA SER A 80 14.76 1.16 16.84
C SER A 80 15.84 2.22 16.69
N PHE A 81 17.09 1.79 16.76
CA PHE A 81 18.22 2.72 16.64
C PHE A 81 19.23 2.18 15.66
N THR A 82 19.90 3.09 14.96
CA THR A 82 20.92 2.73 13.98
C THR A 82 22.27 3.28 14.45
N LEU A 83 23.27 2.41 14.49
CA LEU A 83 24.62 2.79 14.87
C LEU A 83 25.57 2.63 13.68
N ALA A 84 26.77 3.17 13.84
CA ALA A 84 27.84 2.92 12.90
C ALA A 84 28.47 1.57 13.22
N TRP A 85 28.71 0.78 12.18
CA TRP A 85 29.16 -0.61 12.36
C TRP A 85 30.60 -0.60 12.86
N MET A 86 30.78 -0.96 14.12
CA MET A 86 32.10 -1.05 14.74
C MET A 86 32.22 -2.39 15.45
N PRO A 87 32.61 -3.46 14.74
CA PRO A 87 32.61 -4.79 15.36
C PRO A 87 33.55 -4.91 16.55
N GLY A 88 34.65 -4.17 16.56
CA GLY A 88 35.58 -4.24 17.68
C GLY A 88 35.13 -3.53 18.93
N GLU A 89 34.10 -2.69 18.82
CA GLU A 89 33.60 -1.98 20.00
C GLU A 89 32.96 -2.95 20.97
N GLN A 90 33.22 -2.74 22.27
CA GLN A 90 32.67 -3.63 23.29
C GLN A 90 31.15 -3.54 23.33
N GLY A 91 30.60 -2.37 23.02
CA GLY A 91 29.16 -2.20 23.08
C GLY A 91 28.41 -3.09 22.11
N GLN A 92 28.89 -3.15 20.86
CA GLN A 92 28.20 -3.95 19.85
C GLN A 92 28.41 -5.45 20.09
N GLN A 93 29.58 -5.84 20.56
CA GLN A 93 29.79 -7.22 20.95
C GLN A 93 28.84 -7.61 22.07
N ALA A 94 28.67 -6.74 23.06
CA ALA A 94 27.69 -6.99 24.11
C ALA A 94 26.27 -7.02 23.54
N LEU A 95 26.01 -6.22 22.51
CA LEU A 95 24.68 -6.18 21.90
C LEU A 95 24.33 -7.50 21.22
N LEU A 96 25.27 -8.08 20.48
CA LEU A 96 24.97 -9.38 19.86
C LEU A 96 25.09 -10.52 20.87
N ALA A 97 25.86 -10.36 21.94
CA ALA A 97 25.74 -11.30 23.05
C ALA A 97 24.33 -11.27 23.63
N TRP A 98 23.77 -10.06 23.77
CA TRP A 98 22.38 -9.89 24.18
C TRP A 98 21.43 -10.58 23.21
N PHE A 99 21.66 -10.42 21.91
CA PHE A 99 20.80 -11.03 20.92
C PHE A 99 20.87 -12.56 20.98
N ASN A 100 22.07 -13.11 21.12
CA ASN A 100 22.23 -14.56 21.07
C ASN A 100 21.96 -15.20 22.42
N GLU A 101 21.75 -14.39 23.46
CA GLU A 101 21.42 -14.95 24.76
C GLU A 101 19.92 -14.99 24.99
N GLY A 102 19.21 -13.98 24.52
CA GLY A 102 17.76 -13.96 24.64
C GLY A 102 17.20 -13.30 25.88
N ASP A 103 18.06 -12.92 26.82
CA ASP A 103 17.58 -12.30 28.05
C ASP A 103 17.06 -10.89 27.77
N THR A 104 16.28 -10.38 28.72
CA THR A 104 15.76 -9.02 28.66
C THR A 104 16.65 -8.12 29.52
N ARG A 105 17.22 -7.10 28.91
CA ARG A 105 18.12 -6.17 29.58
C ARG A 105 17.50 -4.78 29.61
N ALA A 106 18.08 -3.91 30.44
CA ALA A 106 17.59 -2.57 30.64
C ALA A 106 18.47 -1.58 29.89
N TYR A 107 17.88 -0.86 28.94
CA TYR A 107 18.59 0.15 28.18
C TYR A 107 18.02 1.52 28.48
N LYS A 108 18.90 2.52 28.53
CA LYS A 108 18.56 3.88 28.91
C LYS A 108 18.84 4.82 27.75
N ILE A 109 17.96 5.81 27.59
CA ILE A 109 18.13 6.89 26.64
C ILE A 109 18.33 8.16 27.44
N ARG A 110 19.47 8.81 27.25
CA ARG A 110 19.80 10.04 27.98
C ARG A 110 19.64 11.22 27.03
N PHE A 111 18.67 12.08 27.33
CA PHE A 111 18.37 13.24 26.52
C PHE A 111 19.27 14.41 26.93
N PRO A 112 19.33 15.45 26.10
CA PRO A 112 20.13 16.63 26.48
C PRO A 112 19.67 17.28 27.77
N ASN A 113 18.42 17.09 28.17
CA ASN A 113 17.96 17.56 29.47
C ASN A 113 18.51 16.68 30.57
N GLY A 114 18.17 17.02 31.82
CA GLY A 114 18.55 16.19 32.95
C GLY A 114 17.56 15.08 33.19
N THR A 115 17.13 14.41 32.12
CA THR A 115 16.11 13.38 32.20
C THR A 115 16.56 12.15 31.44
N VAL A 116 16.09 10.98 31.88
CA VAL A 116 16.44 9.70 31.29
C VAL A 116 15.18 8.90 31.01
N ASP A 117 15.30 7.97 30.08
CA ASP A 117 14.20 7.09 29.69
C ASP A 117 14.72 5.65 29.77
N VAL A 118 14.26 4.91 30.78
CA VAL A 118 14.75 3.55 31.01
C VAL A 118 13.68 2.57 30.58
N PHE A 119 14.07 1.61 29.73
CA PHE A 119 13.17 0.54 29.31
C PHE A 119 13.85 -0.80 29.56
N ARG A 120 13.04 -1.85 29.66
CA ARG A 120 13.52 -3.21 29.74
C ARG A 120 12.96 -3.99 28.56
N GLY A 121 13.83 -4.65 27.81
CA GLY A 121 13.37 -5.37 26.63
C GLY A 121 14.41 -6.32 26.12
N TRP A 122 14.03 -7.02 25.05
CA TRP A 122 14.89 -7.96 24.36
C TRP A 122 14.98 -7.56 22.89
N VAL A 123 16.17 -7.68 22.32
CA VAL A 123 16.37 -7.29 20.92
C VAL A 123 15.74 -8.33 20.01
N SER A 124 15.00 -7.84 19.01
CA SER A 124 14.25 -8.70 18.10
C SER A 124 14.64 -8.55 16.65
N SER A 125 15.58 -7.66 16.33
CA SER A 125 15.95 -7.44 14.94
C SER A 125 17.34 -6.80 14.89
N ILE A 126 18.20 -7.33 14.03
CA ILE A 126 19.54 -6.79 13.82
C ILE A 126 19.89 -6.94 12.34
N GLY A 127 20.21 -5.82 11.69
CA GLY A 127 20.50 -5.83 10.28
C GLY A 127 21.62 -4.87 9.94
N LYS A 128 21.99 -4.86 8.66
CA LYS A 128 23.09 -4.04 8.18
C LYS A 128 22.71 -3.40 6.86
N ALA A 129 23.46 -2.37 6.48
CA ALA A 129 23.26 -1.69 5.20
C ALA A 129 24.62 -1.35 4.63
N VAL A 130 24.94 -1.91 3.47
CA VAL A 130 26.24 -1.73 2.83
C VAL A 130 26.05 -0.86 1.60
N THR A 131 26.70 0.30 1.58
CA THR A 131 26.64 1.22 0.45
C THR A 131 28.05 1.70 0.15
N ALA A 132 28.31 2.00 -1.12
CA ALA A 132 29.67 2.31 -1.56
C ALA A 132 30.19 3.58 -0.90
N LYS A 133 29.35 4.62 -0.80
CA LYS A 133 29.81 5.93 -0.35
C LYS A 133 29.35 6.29 1.05
N GLU A 134 28.70 5.37 1.76
CA GLU A 134 28.22 5.63 3.11
C GLU A 134 28.87 4.66 4.08
N VAL A 135 28.95 5.07 5.35
CA VAL A 135 29.47 4.18 6.37
C VAL A 135 28.52 3.01 6.56
N ILE A 136 29.07 1.84 6.87
CA ILE A 136 28.24 0.68 7.14
C ILE A 136 27.46 0.90 8.41
N THR A 137 26.15 0.69 8.35
CA THR A 137 25.26 0.97 9.47
C THR A 137 24.67 -0.34 9.99
N ARG A 138 24.51 -0.41 11.32
CA ARG A 138 23.87 -1.54 11.97
C ARG A 138 22.55 -1.06 12.60
N THR A 139 21.43 -1.58 12.10
CA THR A 139 20.13 -1.22 12.60
C THR A 139 19.65 -2.27 13.61
N VAL A 140 19.18 -1.81 14.76
CA VAL A 140 18.77 -2.69 15.85
C VAL A 140 17.38 -2.27 16.30
N LYS A 141 16.56 -3.25 16.63
CA LYS A 141 15.22 -3.01 17.16
C LYS A 141 15.01 -3.87 18.40
N VAL A 142 14.45 -3.27 19.43
CA VAL A 142 14.26 -3.93 20.72
C VAL A 142 12.78 -3.88 21.07
N THR A 143 12.22 -5.03 21.44
CA THR A 143 10.84 -5.11 21.91
C THR A 143 10.83 -5.11 23.43
N ASN A 144 10.01 -4.24 24.00
CA ASN A 144 9.97 -4.01 25.44
C ASN A 144 9.03 -5.00 26.12
N VAL A 145 9.23 -5.18 27.42
CA VAL A 145 8.48 -6.16 28.20
C VAL A 145 7.52 -5.45 29.15
N GLY A 146 7.44 -4.12 29.06
CA GLY A 146 6.43 -3.40 29.80
C GLY A 146 6.95 -2.64 31.01
N ARG A 147 6.10 -1.77 31.55
CA ARG A 147 6.41 -0.96 32.72
C ARG A 147 7.68 -0.12 32.51
N PRO A 148 7.65 0.84 31.58
CA PRO A 148 8.81 1.71 31.40
C PRO A 148 8.92 2.73 32.52
N SER A 149 10.15 3.19 32.76
CA SER A 149 10.40 4.25 33.74
C SER A 149 10.56 5.55 32.96
N MET A 150 9.43 6.17 32.65
CA MET A 150 9.44 7.39 31.87
C MET A 150 10.18 8.50 32.61
N ALA A 151 10.62 9.50 31.85
CA ALA A 151 11.38 10.60 32.42
C ALA A 151 10.59 11.42 33.41
N GLU A 152 9.27 11.54 33.24
CA GLU A 152 8.52 12.43 34.13
C GLU A 152 8.07 11.76 35.41
N ASP A 153 8.39 10.48 35.61
CA ASP A 153 8.31 9.91 36.95
C ASP A 153 9.42 10.41 37.85
N ARG A 154 10.42 11.09 37.29
CA ARG A 154 11.50 11.72 38.04
C ARG A 154 12.22 10.72 38.93
N MET B 1 43.93 3.58 6.00
CA MET B 1 43.90 2.39 5.14
C MET B 1 44.03 1.08 5.93
N PRO B 2 44.94 0.99 6.91
CA PRO B 2 44.94 -0.20 7.77
C PRO B 2 43.60 -0.37 8.47
N THR B 3 43.02 -1.54 8.34
CA THR B 3 41.63 -1.77 8.70
C THR B 3 41.40 -1.67 10.20
N PRO B 4 40.73 -0.61 10.68
CA PRO B 4 40.41 -0.53 12.11
C PRO B 4 39.06 -1.15 12.42
N ASN B 5 39.03 -2.20 13.23
CA ASN B 5 37.75 -2.73 13.70
C ASN B 5 37.02 -1.76 14.61
N PRO B 6 37.66 -1.12 15.61
CA PRO B 6 36.92 -0.17 16.46
C PRO B 6 36.44 1.07 15.74
N LEU B 7 36.94 1.34 14.53
CA LEU B 7 36.48 2.58 13.92
C LEU B 7 35.48 2.31 12.80
N PRO B 8 34.52 3.20 12.60
CA PRO B 8 33.57 3.02 11.49
C PRO B 8 34.27 3.10 10.15
N VAL B 9 33.73 2.36 9.18
CA VAL B 9 34.32 2.25 7.85
C VAL B 9 33.24 2.45 6.80
N LYS B 10 33.67 2.86 5.61
CA LYS B 10 32.78 2.96 4.46
C LYS B 10 32.59 1.60 3.83
N GLY B 11 31.49 1.45 3.11
CA GLY B 11 31.13 0.14 2.59
C GLY B 11 31.90 -0.25 1.34
N ALA B 12 32.59 0.71 0.73
CA ALA B 12 33.33 0.46 -0.50
C ALA B 12 34.41 -0.59 -0.30
N GLY B 13 34.38 -1.64 -1.13
CA GLY B 13 35.33 -2.72 -1.04
C GLY B 13 34.75 -4.05 -0.58
N THR B 14 33.46 -4.12 -0.30
CA THR B 14 32.84 -5.35 0.15
C THR B 14 32.83 -6.38 -0.99
N THR B 15 33.17 -7.62 -0.67
CA THR B 15 33.25 -8.69 -1.65
C THR B 15 32.43 -9.88 -1.18
N LEU B 16 32.08 -10.74 -2.12
CA LEU B 16 31.29 -11.94 -1.86
C LEU B 16 32.08 -13.18 -2.26
N TRP B 17 31.82 -14.28 -1.54
CA TRP B 17 32.46 -15.56 -1.84
C TRP B 17 31.49 -16.70 -1.57
N VAL B 18 31.73 -17.82 -2.25
CA VAL B 18 30.95 -19.03 -2.09
C VAL B 18 31.92 -20.18 -1.83
N TYR B 19 31.56 -21.07 -0.91
CA TYR B 19 32.44 -22.17 -0.53
C TYR B 19 32.55 -23.18 -1.67
N LYS B 20 33.77 -23.64 -1.95
CA LYS B 20 33.98 -24.54 -3.08
C LYS B 20 33.59 -25.98 -2.74
N GLY B 21 33.46 -26.29 -1.46
CA GLY B 21 32.94 -27.60 -1.09
C GLY B 21 33.79 -28.44 -0.16
N ASN B 22 34.70 -27.83 0.58
CA ASN B 22 35.46 -28.56 1.59
C ASN B 22 34.63 -28.64 2.86
N GLY B 23 35.26 -29.06 3.97
CA GLY B 23 34.57 -29.19 5.23
C GLY B 23 34.85 -28.04 6.20
N ASP B 24 33.92 -27.86 7.14
CA ASP B 24 34.00 -26.87 8.20
C ASP B 24 34.15 -25.45 7.66
N PRO B 25 33.10 -24.89 7.06
CA PRO B 25 33.20 -23.51 6.56
C PRO B 25 33.37 -22.48 7.65
N TYR B 26 32.83 -22.72 8.85
CA TYR B 26 32.91 -21.73 9.91
C TYR B 26 34.30 -21.65 10.53
N ALA B 27 35.13 -22.68 10.33
CA ALA B 27 36.47 -22.67 10.86
C ALA B 27 37.42 -22.01 9.87
N ASN B 28 38.17 -21.01 10.38
CA ASN B 28 39.08 -20.21 9.58
C ASN B 28 38.34 -19.61 8.38
N PRO B 29 37.50 -18.61 8.60
CA PRO B 29 36.82 -17.93 7.48
C PRO B 29 37.63 -16.79 6.86
N LEU B 30 38.79 -16.44 7.43
CA LEU B 30 39.58 -15.32 6.95
C LEU B 30 40.58 -15.73 5.89
N SER B 31 40.53 -16.97 5.42
CA SER B 31 41.39 -17.44 4.34
C SER B 31 40.53 -17.81 3.13
N ASP B 32 40.94 -17.33 1.97
CA ASP B 32 40.22 -17.56 0.73
C ASP B 32 40.79 -18.74 -0.07
N VAL B 33 41.32 -19.74 0.62
CA VAL B 33 42.02 -20.83 -0.06
C VAL B 33 41.02 -21.72 -0.79
N ASP B 34 39.76 -21.71 -0.38
CA ASP B 34 38.74 -22.57 -0.97
C ASP B 34 37.42 -21.84 -1.17
N TRP B 35 37.46 -20.56 -1.52
CA TRP B 35 36.26 -19.76 -1.73
C TRP B 35 36.33 -19.12 -3.11
N SER B 36 35.33 -19.40 -3.93
CA SER B 36 35.21 -18.73 -5.21
C SER B 36 34.60 -17.34 -5.03
N ARG B 37 34.97 -16.43 -5.91
CA ARG B 37 34.60 -15.02 -5.77
C ARG B 37 33.50 -14.69 -6.78
N LEU B 38 32.51 -13.92 -6.33
CA LEU B 38 31.45 -13.41 -7.20
C LEU B 38 31.76 -11.96 -7.50
N ALA B 39 32.44 -11.73 -8.63
CA ALA B 39 32.90 -10.40 -8.97
C ALA B 39 31.74 -9.55 -9.51
N LYS B 40 32.02 -8.24 -9.65
CA LYS B 40 31.09 -7.28 -10.22
C LYS B 40 29.77 -7.24 -9.44
N VAL B 41 29.87 -6.81 -8.20
CA VAL B 41 28.71 -6.66 -7.32
C VAL B 41 28.20 -5.23 -7.40
N LYS B 42 26.93 -5.07 -7.76
CA LYS B 42 26.31 -3.75 -7.82
C LYS B 42 25.83 -3.29 -6.46
N ASP B 43 24.99 -4.06 -5.79
CA ASP B 43 24.58 -3.76 -4.44
C ASP B 43 24.32 -5.05 -3.69
N LEU B 44 24.30 -4.94 -2.35
CA LEU B 44 24.19 -6.11 -1.49
C LEU B 44 23.49 -5.71 -0.21
N THR B 45 22.41 -6.42 0.12
CA THR B 45 21.67 -6.25 1.36
C THR B 45 21.81 -7.53 2.18
N PRO B 46 22.53 -7.51 3.29
CA PRO B 46 22.71 -8.73 4.08
C PRO B 46 21.42 -9.14 4.78
N GLY B 47 21.46 -10.34 5.36
CA GLY B 47 20.29 -10.86 6.04
C GLY B 47 19.98 -10.09 7.31
N GLU B 48 18.70 -10.07 7.66
CA GLU B 48 18.21 -9.42 8.86
C GLU B 48 17.86 -10.49 9.89
N LEU B 49 18.62 -10.53 10.98
CA LEU B 49 18.41 -11.53 12.02
C LEU B 49 17.24 -11.11 12.89
N THR B 50 16.08 -11.73 12.68
CA THR B 50 14.86 -11.40 13.41
C THR B 50 14.59 -12.48 14.45
N ALA B 51 13.52 -12.26 15.23
CA ALA B 51 13.13 -13.21 16.26
C ALA B 51 11.64 -13.09 16.49
N GLU B 52 10.99 -14.23 16.76
CA GLU B 52 9.56 -14.26 17.02
C GLU B 52 9.30 -14.05 18.50
N SER B 53 8.32 -13.20 18.81
CA SER B 53 7.94 -12.97 20.19
C SER B 53 7.18 -14.16 20.73
N TYR B 54 7.52 -14.58 21.95
CA TYR B 54 6.88 -15.70 22.61
C TYR B 54 6.10 -15.18 23.82
N ASP B 55 4.82 -15.53 23.88
CA ASP B 55 3.94 -15.02 24.92
C ASP B 55 4.26 -15.72 26.24
N ASP B 56 4.37 -14.93 27.31
CA ASP B 56 4.71 -15.44 28.63
C ASP B 56 3.73 -15.00 29.71
N SER B 57 2.46 -14.79 29.36
CA SER B 57 1.46 -14.35 30.32
C SER B 57 0.58 -15.52 30.72
N TYR B 58 0.45 -15.74 32.03
CA TYR B 58 -0.43 -16.74 32.59
C TYR B 58 -1.65 -16.07 33.21
N LEU B 59 -2.67 -16.87 33.49
CA LEU B 59 -3.84 -16.35 34.19
C LEU B 59 -3.52 -16.06 35.66
N ASP B 60 -2.57 -16.79 36.24
CA ASP B 60 -2.29 -16.69 37.65
C ASP B 60 -1.49 -15.45 38.04
N ASP B 61 -0.83 -14.80 37.08
CA ASP B 61 0.04 -13.67 37.41
C ASP B 61 -0.79 -12.49 37.91
N GLU B 62 -0.15 -11.61 38.68
CA GLU B 62 -0.87 -10.49 39.26
C GLU B 62 -0.83 -9.26 38.35
N ASP B 63 0.30 -9.02 37.70
CA ASP B 63 0.48 -7.85 36.85
C ASP B 63 0.02 -8.18 35.43
N ALA B 64 -1.24 -7.89 35.15
CA ALA B 64 -1.81 -8.12 33.83
C ALA B 64 -2.03 -6.81 33.07
N ASP B 65 -1.35 -5.74 33.46
CA ASP B 65 -1.51 -4.44 32.82
C ASP B 65 -0.58 -4.23 31.65
N TRP B 66 0.60 -4.85 31.67
CA TRP B 66 1.59 -4.67 30.61
C TRP B 66 1.93 -6.01 29.99
N THR B 67 2.08 -6.02 28.67
CA THR B 67 2.42 -7.24 27.96
C THR B 67 3.82 -7.71 28.35
N ALA B 68 3.95 -9.00 28.64
CA ALA B 68 5.22 -9.62 28.96
C ALA B 68 5.51 -10.69 27.92
N THR B 69 6.66 -10.58 27.25
CA THR B 69 7.03 -11.50 26.19
C THR B 69 8.49 -11.88 26.36
N GLY B 70 8.95 -12.80 25.52
CA GLY B 70 10.32 -13.24 25.55
C GLY B 70 10.74 -13.74 24.19
N GLN B 71 12.04 -13.64 23.91
CA GLN B 71 12.55 -14.01 22.60
C GLN B 71 12.36 -15.51 22.36
N GLY B 72 12.06 -15.85 21.11
CA GLY B 72 11.86 -17.25 20.76
C GLY B 72 12.03 -17.54 19.29
N GLN B 73 12.85 -18.55 18.99
CA GLN B 73 13.05 -19.06 17.62
C GLN B 73 13.55 -17.95 16.71
N LYS B 74 14.77 -17.51 17.00
CA LYS B 74 15.44 -16.52 16.16
C LYS B 74 15.69 -17.09 14.78
N SER B 75 15.63 -16.23 13.76
CA SER B 75 15.77 -16.66 12.38
C SER B 75 16.62 -15.66 11.62
N ALA B 76 17.59 -16.17 10.86
CA ALA B 76 18.32 -15.33 9.92
C ALA B 76 17.46 -15.08 8.68
N GLY B 77 17.54 -13.87 8.16
CA GLY B 77 16.69 -13.43 7.06
C GLY B 77 17.27 -13.78 5.71
N ASP B 78 16.84 -13.03 4.70
CA ASP B 78 17.29 -13.23 3.33
C ASP B 78 18.39 -12.24 2.97
N THR B 79 19.36 -12.71 2.21
CA THR B 79 20.46 -11.88 1.72
C THR B 79 20.29 -11.71 0.22
N SER B 80 20.23 -10.47 -0.23
CA SER B 80 19.92 -10.17 -1.62
C SER B 80 21.03 -9.34 -2.25
N PHE B 81 21.64 -9.86 -3.31
CA PHE B 81 22.72 -9.15 -3.97
C PHE B 81 22.49 -9.14 -5.47
N THR B 82 22.94 -8.07 -6.11
CA THR B 82 22.80 -7.90 -7.56
C THR B 82 24.19 -7.87 -8.19
N LEU B 83 24.41 -8.71 -9.19
CA LEU B 83 25.67 -8.75 -9.92
C LEU B 83 25.46 -8.31 -11.35
N ALA B 84 26.58 -8.08 -12.06
CA ALA B 84 26.54 -7.86 -13.49
C ALA B 84 26.45 -9.21 -14.20
N TRP B 85 25.57 -9.29 -15.18
CA TRP B 85 25.27 -10.56 -15.83
C TRP B 85 26.46 -10.99 -16.67
N MET B 86 27.16 -12.02 -16.22
CA MET B 86 28.31 -12.59 -16.93
C MET B 86 28.14 -14.10 -17.01
N PRO B 87 27.41 -14.61 -18.02
CA PRO B 87 27.13 -16.05 -18.05
C PRO B 87 28.36 -16.92 -18.16
N GLY B 88 29.43 -16.44 -18.79
CA GLY B 88 30.63 -17.23 -18.92
C GLY B 88 31.47 -17.31 -17.66
N GLU B 89 31.19 -16.47 -16.68
CA GLU B 89 31.94 -16.50 -15.43
C GLU B 89 31.64 -17.79 -14.67
N GLN B 90 32.69 -18.37 -14.09
CA GLN B 90 32.52 -19.62 -13.34
C GLN B 90 31.64 -19.42 -12.12
N GLY B 91 31.71 -18.23 -11.51
CA GLY B 91 30.93 -17.98 -10.31
C GLY B 91 29.43 -18.06 -10.54
N GLN B 92 28.95 -17.46 -11.63
CA GLN B 92 27.51 -17.46 -11.88
C GLN B 92 27.04 -18.83 -12.35
N GLN B 93 27.85 -19.55 -13.11
CA GLN B 93 27.51 -20.92 -13.46
C GLN B 93 27.41 -21.78 -12.21
N ALA B 94 28.34 -21.62 -11.27
CA ALA B 94 28.24 -22.31 -9.99
C ALA B 94 27.01 -21.86 -9.22
N LEU B 95 26.62 -20.59 -9.35
CA LEU B 95 25.45 -20.08 -8.65
C LEU B 95 24.16 -20.73 -9.14
N LEU B 96 24.00 -20.86 -10.46
CA LEU B 96 22.79 -21.55 -10.95
C LEU B 96 22.89 -23.07 -10.82
N ALA B 97 24.10 -23.63 -10.76
CA ALA B 97 24.23 -25.02 -10.32
C ALA B 97 23.72 -25.18 -8.89
N TRP B 98 24.05 -24.21 -8.03
CA TRP B 98 23.53 -24.16 -6.67
C TRP B 98 22.01 -24.06 -6.67
N PHE B 99 21.45 -23.22 -7.53
CA PHE B 99 20.01 -23.07 -7.60
C PHE B 99 19.32 -24.35 -8.07
N ASN B 100 19.88 -25.01 -9.08
CA ASN B 100 19.22 -26.18 -9.65
C ASN B 100 19.55 -27.44 -8.87
N GLU B 101 20.45 -27.35 -7.89
CA GLU B 101 20.75 -28.52 -7.08
C GLU B 101 19.93 -28.53 -5.79
N GLY B 102 19.72 -27.36 -5.20
CA GLY B 102 18.90 -27.25 -4.01
C GLY B 102 19.63 -27.37 -2.69
N ASP B 103 20.93 -27.68 -2.71
CA ASP B 103 21.68 -27.83 -1.48
C ASP B 103 21.89 -26.47 -0.82
N THR B 104 22.24 -26.51 0.46
CA THR B 104 22.56 -25.31 1.22
C THR B 104 24.08 -25.16 1.27
N ARG B 105 24.58 -24.04 0.79
CA ARG B 105 26.01 -23.76 0.72
C ARG B 105 26.34 -22.58 1.63
N ALA B 106 27.63 -22.41 1.90
CA ALA B 106 28.12 -21.37 2.78
C ALA B 106 28.71 -20.23 1.96
N TYR B 107 28.14 -19.05 2.11
CA TYR B 107 28.63 -17.87 1.42
C TYR B 107 29.14 -16.85 2.44
N LYS B 108 30.21 -16.17 2.06
CA LYS B 108 30.92 -15.24 2.94
C LYS B 108 30.86 -13.84 2.36
N ILE B 109 30.72 -12.85 3.23
CA ILE B 109 30.79 -11.44 2.88
C ILE B 109 32.04 -10.89 3.54
N ARG B 110 32.96 -10.36 2.74
CA ARG B 110 34.22 -9.82 3.24
C ARG B 110 34.14 -8.30 3.19
N PHE B 111 34.14 -7.68 4.36
CA PHE B 111 34.06 -6.23 4.48
C PHE B 111 35.44 -5.60 4.35
N PRO B 112 35.50 -4.28 4.15
CA PRO B 112 36.82 -3.64 4.07
C PRO B 112 37.65 -3.79 5.34
N ASN B 113 37.01 -4.04 6.48
CA ASN B 113 37.75 -4.35 7.70
C ASN B 113 38.31 -5.76 7.62
N GLY B 114 39.02 -6.15 8.69
CA GLY B 114 39.52 -7.51 8.78
C GLY B 114 38.49 -8.46 9.36
N THR B 115 37.24 -8.34 8.90
CA THR B 115 36.15 -9.12 9.45
C THR B 115 35.35 -9.74 8.31
N VAL B 116 34.74 -10.89 8.59
CA VAL B 116 33.97 -11.63 7.61
C VAL B 116 32.62 -11.99 8.20
N ASP B 117 31.65 -12.23 7.31
CA ASP B 117 30.29 -12.61 7.70
C ASP B 117 29.94 -13.88 6.93
N VAL B 118 29.89 -15.01 7.62
CA VAL B 118 29.66 -16.30 6.98
C VAL B 118 28.24 -16.75 7.28
N PHE B 119 27.49 -17.10 6.24
CA PHE B 119 26.14 -17.63 6.38
C PHE B 119 26.04 -18.94 5.60
N ARG B 120 25.08 -19.76 5.98
CA ARG B 120 24.73 -20.97 5.26
C ARG B 120 23.28 -20.87 4.81
N GLY B 121 23.04 -21.07 3.52
CA GLY B 121 21.69 -20.93 3.02
C GLY B 121 21.54 -21.53 1.64
N TRP B 122 20.31 -21.44 1.14
CA TRP B 122 19.96 -21.90 -0.20
C TRP B 122 19.33 -20.76 -0.96
N VAL B 123 19.67 -20.65 -2.25
CA VAL B 123 19.15 -19.55 -3.06
C VAL B 123 17.68 -19.81 -3.39
N SER B 124 16.86 -18.78 -3.23
CA SER B 124 15.42 -18.88 -3.40
C SER B 124 14.86 -17.97 -4.48
N SER B 125 15.69 -17.15 -5.12
CA SER B 125 15.21 -16.22 -6.13
C SER B 125 16.35 -15.81 -7.03
N ILE B 126 16.10 -15.85 -8.33
CA ILE B 126 17.07 -15.43 -9.34
C ILE B 126 16.33 -14.74 -10.48
N GLY B 127 16.70 -13.50 -10.77
CA GLY B 127 16.02 -12.73 -11.79
C GLY B 127 17.00 -11.88 -12.56
N LYS B 128 16.47 -11.17 -13.56
CA LYS B 128 17.26 -10.35 -14.45
C LYS B 128 16.55 -9.03 -14.71
N ALA B 129 17.30 -8.05 -15.20
CA ALA B 129 16.75 -6.75 -15.55
C ALA B 129 17.42 -6.29 -16.83
N VAL B 130 16.63 -6.11 -17.90
CA VAL B 130 17.15 -5.74 -19.21
C VAL B 130 16.72 -4.30 -19.49
N THR B 131 17.70 -3.42 -19.67
CA THR B 131 17.44 -2.02 -19.99
C THR B 131 18.38 -1.61 -21.11
N ALA B 132 17.92 -0.66 -21.94
CA ALA B 132 18.66 -0.31 -23.15
C ALA B 132 20.01 0.31 -22.82
N LYS B 133 20.08 1.18 -21.82
CA LYS B 133 21.29 1.94 -21.54
C LYS B 133 22.03 1.48 -20.29
N GLU B 134 21.59 0.41 -19.65
CA GLU B 134 22.23 -0.10 -18.44
C GLU B 134 22.75 -1.51 -18.70
N VAL B 135 23.75 -1.92 -17.93
CA VAL B 135 24.24 -3.28 -18.02
C VAL B 135 23.18 -4.24 -17.52
N ILE B 136 23.13 -5.43 -18.11
CA ILE B 136 22.19 -6.44 -17.66
C ILE B 136 22.59 -6.91 -16.27
N THR B 137 21.64 -6.91 -15.36
CA THR B 137 21.90 -7.23 -13.96
C THR B 137 21.19 -8.53 -13.58
N ARG B 138 21.85 -9.32 -12.74
CA ARG B 138 21.29 -10.55 -12.20
C ARG B 138 21.09 -10.38 -10.70
N THR B 139 19.84 -10.40 -10.26
CA THR B 139 19.50 -10.26 -8.85
C THR B 139 19.29 -11.64 -8.24
N VAL B 140 19.91 -11.87 -7.09
CA VAL B 140 19.88 -13.16 -6.42
C VAL B 140 19.50 -12.93 -4.97
N LYS B 141 18.69 -13.84 -4.42
CA LYS B 141 18.30 -13.80 -3.02
C LYS B 141 18.49 -15.18 -2.42
N VAL B 142 19.07 -15.23 -1.23
CA VAL B 142 19.40 -16.48 -0.55
C VAL B 142 18.71 -16.49 0.81
N THR B 143 18.01 -17.58 1.12
CA THR B 143 17.40 -17.77 2.42
C THR B 143 18.31 -18.63 3.29
N ASN B 144 18.59 -18.16 4.49
CA ASN B 144 19.54 -18.79 5.39
C ASN B 144 18.87 -19.89 6.21
N VAL B 145 19.69 -20.80 6.72
CA VAL B 145 19.20 -21.95 7.46
C VAL B 145 19.53 -21.83 8.94
N GLY B 146 20.09 -20.69 9.34
CA GLY B 146 20.28 -20.41 10.75
C GLY B 146 21.70 -20.54 11.24
N ARG B 147 21.94 -20.05 12.46
CA ARG B 147 23.25 -20.09 13.10
C ARG B 147 24.33 -19.42 12.24
N PRO B 148 24.24 -18.10 12.03
CA PRO B 148 25.29 -17.41 11.27
C PRO B 148 26.54 -17.22 12.11
N SER B 149 27.67 -17.13 11.43
CA SER B 149 28.95 -16.84 12.08
C SER B 149 29.24 -15.35 11.90
N MET B 150 28.67 -14.55 12.79
CA MET B 150 28.80 -13.11 12.70
C MET B 150 30.27 -12.71 12.86
N ALA B 151 30.58 -11.51 12.39
CA ALA B 151 31.96 -11.02 12.43
C ALA B 151 32.47 -10.83 13.85
N GLU B 152 31.60 -10.50 14.81
CA GLU B 152 32.13 -10.20 16.14
C GLU B 152 32.28 -11.43 17.02
N ASP B 153 31.96 -12.62 16.51
CA ASP B 153 32.43 -13.84 17.15
C ASP B 153 33.92 -14.06 16.93
N ARG B 154 34.54 -13.29 16.05
CA ARG B 154 35.97 -13.33 15.81
C ARG B 154 36.46 -14.72 15.45
N MET C 1 -10.57 40.79 14.05
CA MET C 1 -10.10 40.23 15.31
C MET C 1 -11.24 39.75 16.22
N PRO C 2 -12.32 40.52 16.38
CA PRO C 2 -13.48 40.01 17.11
C PRO C 2 -14.01 38.75 16.44
N THR C 3 -14.15 37.69 17.23
CA THR C 3 -14.36 36.35 16.71
C THR C 3 -15.72 36.20 16.04
N PRO C 4 -15.78 36.09 14.70
CA PRO C 4 -17.06 35.85 14.04
C PRO C 4 -17.35 34.37 13.87
N ASN C 5 -18.42 33.88 14.50
CA ASN C 5 -18.84 32.50 14.24
C ASN C 5 -19.33 32.31 12.80
N PRO C 6 -20.17 33.18 12.23
CA PRO C 6 -20.60 32.95 10.84
C PRO C 6 -19.49 33.07 9.81
N LEU C 7 -18.34 33.63 10.18
CA LEU C 7 -17.33 33.78 9.14
C LEU C 7 -16.22 32.75 9.30
N PRO C 8 -15.63 32.30 8.19
CA PRO C 8 -14.51 31.35 8.29
C PRO C 8 -13.30 32.00 8.96
N VAL C 9 -12.53 31.17 9.67
CA VAL C 9 -11.39 31.65 10.44
C VAL C 9 -10.19 30.75 10.14
N LYS C 10 -9.00 31.32 10.37
CA LYS C 10 -7.76 30.56 10.26
C LYS C 10 -7.53 29.77 11.54
N GLY C 11 -6.73 28.70 11.42
CA GLY C 11 -6.58 27.79 12.53
C GLY C 11 -5.62 28.29 13.59
N ALA C 12 -4.85 29.34 13.28
CA ALA C 12 -3.86 29.87 14.21
C ALA C 12 -4.50 30.36 15.49
N GLY C 13 -4.03 29.85 16.62
CA GLY C 13 -4.55 30.21 17.93
C GLY C 13 -5.30 29.10 18.64
N THR C 14 -5.40 27.92 18.04
CA THR C 14 -6.09 26.81 18.68
C THR C 14 -5.32 26.33 19.90
N THR C 15 -6.03 26.07 21.00
CA THR C 15 -5.43 25.66 22.26
C THR C 15 -6.10 24.38 22.75
N LEU C 16 -5.41 23.66 23.63
CA LEU C 16 -5.90 22.43 24.22
C LEU C 16 -6.00 22.56 25.73
N TRP C 17 -6.95 21.84 26.32
CA TRP C 17 -7.13 21.83 27.76
C TRP C 17 -7.59 20.45 28.21
N VAL C 18 -7.30 20.16 29.48
CA VAL C 18 -7.70 18.92 30.13
C VAL C 18 -8.42 19.26 31.43
N TYR C 19 -9.49 18.54 31.72
CA TYR C 19 -10.30 18.84 32.91
C TYR C 19 -9.52 18.46 34.17
N LYS C 20 -9.57 19.34 35.17
CA LYS C 20 -8.78 19.11 36.39
C LYS C 20 -9.46 18.12 37.32
N GLY C 21 -10.76 17.88 37.12
CA GLY C 21 -11.41 16.82 37.88
C GLY C 21 -12.66 17.21 38.66
N ASN C 22 -13.30 18.30 38.30
CA ASN C 22 -14.57 18.66 38.92
C ASN C 22 -15.70 17.90 38.22
N GLY C 23 -16.94 18.28 38.47
CA GLY C 23 -18.09 17.61 37.89
C GLY C 23 -18.70 18.39 36.74
N ASP C 24 -19.42 17.65 35.88
CA ASP C 24 -20.14 18.19 34.73
C ASP C 24 -19.23 18.95 33.78
N PRO C 25 -18.36 18.27 33.05
CA PRO C 25 -17.50 18.97 32.09
C PRO C 25 -18.26 19.61 30.94
N TYR C 26 -19.39 19.02 30.52
CA TYR C 26 -20.11 19.56 29.38
C TYR C 26 -20.88 20.84 29.72
N ALA C 27 -21.10 21.10 31.00
CA ALA C 27 -21.78 22.32 31.41
C ALA C 27 -20.78 23.46 31.57
N ASN C 28 -21.07 24.56 30.90
CA ASN C 28 -20.21 25.75 30.87
C ASN C 28 -18.80 25.34 30.43
N PRO C 29 -18.60 25.04 29.15
CA PRO C 29 -17.25 24.75 28.65
C PRO C 29 -16.45 25.97 28.24
N LEU C 30 -17.04 27.15 28.25
CA LEU C 30 -16.37 28.37 27.81
C LEU C 30 -15.61 29.08 28.93
N SER C 31 -15.52 28.46 30.10
CA SER C 31 -14.76 29.00 31.22
C SER C 31 -13.61 28.06 31.55
N ASP C 32 -12.42 28.63 31.68
CA ASP C 32 -11.21 27.87 31.98
C ASP C 32 -10.88 27.84 33.46
N VAL C 33 -11.90 27.87 34.32
CA VAL C 33 -11.67 27.99 35.75
C VAL C 33 -11.10 26.69 36.32
N ASP C 34 -11.31 25.57 35.63
CA ASP C 34 -10.87 24.27 36.10
C ASP C 34 -10.27 23.42 34.98
N TRP C 35 -9.58 24.04 34.04
CA TRP C 35 -8.98 23.33 32.91
C TRP C 35 -7.49 23.65 32.85
N SER C 36 -6.66 22.63 32.91
CA SER C 36 -5.23 22.81 32.71
C SER C 36 -4.94 22.90 31.21
N ARG C 37 -3.88 23.65 30.88
CA ARG C 37 -3.54 23.95 29.50
C ARG C 37 -2.35 23.11 29.06
N LEU C 38 -2.41 22.58 27.85
CA LEU C 38 -1.30 21.84 27.24
C LEU C 38 -0.62 22.78 26.25
N ALA C 39 0.41 23.48 26.70
CA ALA C 39 1.06 24.49 25.89
C ALA C 39 1.98 23.84 24.85
N LYS C 40 2.45 24.68 23.92
CA LYS C 40 3.40 24.27 22.89
C LYS C 40 2.86 23.12 22.04
N VAL C 41 1.79 23.42 21.31
CA VAL C 41 1.16 22.46 20.42
C VAL C 41 1.72 22.65 19.01
N LYS C 42 2.28 21.59 18.44
CA LYS C 42 2.81 21.64 17.09
C LYS C 42 1.71 21.44 16.04
N ASP C 43 0.97 20.33 16.13
CA ASP C 43 -0.16 20.12 15.24
C ASP C 43 -1.21 19.31 15.99
N LEU C 44 -2.44 19.36 15.46
CA LEU C 44 -3.59 18.74 16.12
C LEU C 44 -4.58 18.30 15.06
N THR C 45 -4.96 17.02 15.10
CA THR C 45 -5.98 16.46 14.24
C THR C 45 -7.14 16.00 15.11
N PRO C 46 -8.28 16.67 15.05
CA PRO C 46 -9.42 16.28 15.90
C PRO C 46 -10.02 14.96 15.47
N GLY C 47 -10.92 14.46 16.31
CA GLY C 47 -11.56 13.18 16.02
C GLY C 47 -12.49 13.27 14.84
N GLU C 48 -12.65 12.13 14.15
CA GLU C 48 -13.52 12.01 13.00
C GLU C 48 -14.76 11.22 13.42
N LEU C 49 -15.91 11.89 13.43
CA LEU C 49 -17.15 11.26 13.85
C LEU C 49 -17.70 10.41 12.71
N THR C 50 -17.51 9.10 12.80
CA THR C 50 -17.94 8.16 11.77
C THR C 50 -19.20 7.44 12.22
N ALA C 51 -19.73 6.60 11.33
CA ALA C 51 -20.92 5.83 11.63
C ALA C 51 -20.91 4.55 10.81
N GLU C 52 -21.41 3.47 11.40
CA GLU C 52 -21.46 2.18 10.73
C GLU C 52 -22.77 2.05 9.96
N SER C 53 -22.67 1.57 8.72
CA SER C 53 -23.87 1.35 7.93
C SER C 53 -24.63 0.13 8.42
N TYR C 54 -25.95 0.26 8.54
CA TYR C 54 -26.81 -0.81 8.99
C TYR C 54 -27.69 -1.25 7.83
N ASP C 55 -27.68 -2.55 7.56
CA ASP C 55 -28.40 -3.10 6.42
C ASP C 55 -29.90 -3.12 6.70
N ASP C 56 -30.70 -2.65 5.74
CA ASP C 56 -32.15 -2.57 5.90
C ASP C 56 -32.90 -3.24 4.77
N SER C 57 -32.33 -4.28 4.15
CA SER C 57 -32.97 -4.96 3.03
C SER C 57 -33.58 -6.26 3.52
N TYR C 58 -34.86 -6.47 3.22
CA TYR C 58 -35.55 -7.71 3.51
C TYR C 58 -35.77 -8.48 2.22
N LEU C 59 -36.13 -9.76 2.36
CA LEU C 59 -36.50 -10.55 1.19
C LEU C 59 -37.84 -10.12 0.62
N ASP C 60 -38.73 -9.59 1.45
CA ASP C 60 -40.08 -9.28 1.04
C ASP C 60 -40.19 -8.01 0.21
N ASP C 61 -39.19 -7.12 0.26
CA ASP C 61 -39.29 -5.85 -0.43
C ASP C 61 -39.31 -6.05 -1.95
N GLU C 62 -39.86 -5.08 -2.66
CA GLU C 62 -39.99 -5.20 -4.10
C GLU C 62 -38.78 -4.62 -4.82
N ASP C 63 -38.25 -3.50 -4.32
CA ASP C 63 -37.13 -2.82 -4.97
C ASP C 63 -35.82 -3.39 -4.43
N ALA C 64 -35.29 -4.40 -5.13
CA ALA C 64 -34.03 -5.02 -4.76
C ALA C 64 -32.91 -4.63 -5.71
N ASP C 65 -33.06 -3.53 -6.44
CA ASP C 65 -32.05 -3.10 -7.40
C ASP C 65 -31.00 -2.18 -6.80
N TRP C 66 -31.36 -1.41 -5.78
CA TRP C 66 -30.45 -0.46 -5.17
C TRP C 66 -30.30 -0.77 -3.68
N THR C 67 -29.07 -0.65 -3.19
CA THR C 67 -28.80 -0.91 -1.78
C THR C 67 -29.50 0.13 -0.91
N ALA C 68 -30.17 -0.34 0.14
CA ALA C 68 -30.82 0.52 1.11
C ALA C 68 -30.19 0.29 2.47
N THR C 69 -29.67 1.35 3.08
CA THR C 69 -28.99 1.26 4.36
C THR C 69 -29.47 2.40 5.26
N GLY C 70 -29.00 2.37 6.50
CA GLY C 70 -29.35 3.40 7.46
C GLY C 70 -28.27 3.54 8.50
N GLN C 71 -28.15 4.74 9.05
CA GLN C 71 -27.09 5.01 10.01
C GLN C 71 -27.27 4.17 11.26
N GLY C 72 -26.15 3.72 11.83
CA GLY C 72 -26.19 2.92 13.03
C GLY C 72 -24.90 2.93 13.83
N GLN C 73 -25.03 3.19 15.13
CA GLN C 73 -23.92 3.13 16.09
C GLN C 73 -22.79 4.06 15.66
N LYS C 74 -23.11 5.36 15.72
CA LYS C 74 -22.13 6.40 15.45
C LYS C 74 -21.01 6.35 16.48
N SER C 75 -19.79 6.68 16.05
CA SER C 75 -18.62 6.58 16.92
C SER C 75 -17.73 7.79 16.69
N ALA C 76 -17.29 8.41 17.79
CA ALA C 76 -16.26 9.44 17.69
C ALA C 76 -14.90 8.77 17.51
N GLY C 77 -14.06 9.39 16.69
CA GLY C 77 -12.79 8.83 16.31
C GLY C 77 -11.68 9.16 17.29
N ASP C 78 -10.45 9.11 16.79
CA ASP C 78 -9.27 9.41 17.60
C ASP C 78 -8.79 10.83 17.34
N THR C 79 -8.35 11.48 18.41
CA THR C 79 -7.79 12.83 18.34
C THR C 79 -6.29 12.75 18.61
N SER C 80 -5.49 13.25 17.68
CA SER C 80 -4.04 13.09 17.75
C SER C 80 -3.37 14.45 17.72
N PHE C 81 -2.60 14.75 18.76
CA PHE C 81 -1.91 16.03 18.85
C PHE C 81 -0.46 15.81 19.23
N THR C 82 0.41 16.69 18.71
CA THR C 82 1.84 16.64 18.99
C THR C 82 2.24 17.88 19.76
N LEU C 83 2.93 17.68 20.88
CA LEU C 83 3.43 18.78 21.70
C LEU C 83 4.95 18.78 21.69
N ALA C 84 5.52 19.87 22.21
CA ALA C 84 6.95 19.92 22.47
C ALA C 84 7.24 19.23 23.79
N TRP C 85 8.27 18.40 23.80
CA TRP C 85 8.56 17.55 24.95
C TRP C 85 9.07 18.41 26.09
N MET C 86 8.24 18.57 27.12
CA MET C 86 8.59 19.33 28.32
C MET C 86 8.26 18.49 29.55
N PRO C 87 9.16 17.61 29.99
CA PRO C 87 8.81 16.70 31.09
C PRO C 87 8.48 17.40 32.39
N GLY C 88 9.09 18.56 32.65
CA GLY C 88 8.80 19.28 33.87
C GLY C 88 7.48 20.00 33.90
N GLU C 89 6.82 20.15 32.76
CA GLU C 89 5.53 20.81 32.70
C GLU C 89 4.47 19.97 33.42
N GLN C 90 3.61 20.64 34.17
CA GLN C 90 2.57 19.94 34.91
C GLN C 90 1.58 19.26 33.97
N GLY C 91 1.35 19.86 32.80
CA GLY C 91 0.40 19.30 31.87
C GLY C 91 0.80 17.92 31.37
N GLN C 92 2.07 17.75 31.00
CA GLN C 92 2.49 16.46 30.46
C GLN C 92 2.62 15.41 31.56
N GLN C 93 3.01 15.81 32.77
CA GLN C 93 2.99 14.89 33.89
C GLN C 93 1.57 14.41 34.16
N ALA C 94 0.60 15.33 34.12
CA ALA C 94 -0.79 14.93 34.25
C ALA C 94 -1.23 14.04 33.09
N LEU C 95 -0.67 14.27 31.91
CA LEU C 95 -1.04 13.47 30.74
C LEU C 95 -0.59 12.02 30.90
N LEU C 96 0.65 11.80 31.36
CA LEU C 96 1.07 10.42 31.58
C LEU C 96 0.49 9.82 32.86
N ALA C 97 0.11 10.65 33.84
CA ALA C 97 -0.73 10.13 34.92
C ALA C 97 -2.05 9.62 34.37
N TRP C 98 -2.63 10.36 33.42
CA TRP C 98 -3.83 9.93 32.72
C TRP C 98 -3.59 8.62 31.99
N PHE C 99 -2.45 8.50 31.30
CA PHE C 99 -2.16 7.27 30.58
C PHE C 99 -1.99 6.08 31.52
N ASN C 100 -1.30 6.27 32.63
CA ASN C 100 -1.00 5.15 33.52
C ASN C 100 -2.16 4.88 34.47
N GLU C 101 -3.18 5.73 34.47
CA GLU C 101 -4.34 5.48 35.33
C GLU C 101 -5.44 4.76 34.57
N GLY C 102 -5.63 5.10 33.29
CA GLY C 102 -6.61 4.43 32.47
C GLY C 102 -8.00 5.04 32.47
N ASP C 103 -8.25 6.06 33.30
CA ASP C 103 -9.56 6.67 33.34
C ASP C 103 -9.82 7.48 32.08
N THR C 104 -11.10 7.79 31.85
CA THR C 104 -11.51 8.62 30.74
C THR C 104 -11.73 10.05 31.25
N ARG C 105 -11.01 11.00 30.67
CA ARG C 105 -11.06 12.39 31.08
C ARG C 105 -11.63 13.23 29.93
N ALA C 106 -12.01 14.46 30.26
CA ALA C 106 -12.61 15.38 29.31
C ALA C 106 -11.58 16.41 28.87
N TYR C 107 -11.29 16.44 27.57
CA TYR C 107 -10.37 17.40 27.00
C TYR C 107 -11.11 18.33 26.05
N LYS C 108 -10.71 19.59 26.05
CA LYS C 108 -11.35 20.65 25.30
C LYS C 108 -10.38 21.23 24.28
N ILE C 109 -10.91 21.55 23.10
CA ILE C 109 -10.18 22.25 22.05
C ILE C 109 -10.81 23.63 21.92
N ARG C 110 -10.03 24.68 22.13
CA ARG C 110 -10.52 26.05 22.05
C ARG C 110 -10.02 26.66 20.75
N PHE C 111 -10.94 26.96 19.85
CA PHE C 111 -10.62 27.54 18.56
C PHE C 111 -10.50 29.06 18.66
N PRO C 112 -9.94 29.71 17.65
CA PRO C 112 -9.86 31.18 17.69
C PRO C 112 -11.22 31.85 17.77
N ASN C 113 -12.29 31.18 17.33
CA ASN C 113 -13.63 31.70 17.52
C ASN C 113 -14.05 31.58 18.99
N GLY C 114 -15.27 32.04 19.28
CA GLY C 114 -15.82 31.87 20.61
C GLY C 114 -16.50 30.53 20.78
N THR C 115 -15.86 29.47 20.28
CA THR C 115 -16.45 28.14 20.29
C THR C 115 -15.44 27.14 20.83
N VAL C 116 -15.97 26.08 21.45
CA VAL C 116 -15.14 25.04 22.07
C VAL C 116 -15.63 23.68 21.59
N ASP C 117 -14.72 22.71 21.67
CA ASP C 117 -15.01 21.32 21.28
C ASP C 117 -14.61 20.43 22.45
N VAL C 118 -15.58 19.88 23.16
CA VAL C 118 -15.32 19.08 24.35
C VAL C 118 -15.54 17.62 24.01
N PHE C 119 -14.54 16.78 24.32
CA PHE C 119 -14.65 15.34 24.14
C PHE C 119 -14.28 14.66 25.45
N ARG C 120 -14.76 13.43 25.60
CA ARG C 120 -14.37 12.56 26.71
C ARG C 120 -13.71 11.31 26.14
N GLY C 121 -12.52 10.99 26.63
CA GLY C 121 -11.81 9.85 26.09
C GLY C 121 -10.67 9.43 26.97
N TRP C 122 -9.99 8.36 26.53
CA TRP C 122 -8.82 7.83 27.20
C TRP C 122 -7.67 7.78 26.20
N VAL C 123 -6.47 8.12 26.67
CA VAL C 123 -5.31 8.15 25.79
C VAL C 123 -4.87 6.71 25.47
N SER C 124 -4.62 6.46 24.19
CA SER C 124 -4.29 5.12 23.72
C SER C 124 -2.92 5.02 23.05
N SER C 125 -2.19 6.13 22.93
CA SER C 125 -0.90 6.11 22.26
C SER C 125 -0.07 7.30 22.70
N ILE C 126 1.18 7.06 23.04
CA ILE C 126 2.12 8.10 23.43
C ILE C 126 3.50 7.73 22.90
N GLY C 127 4.09 8.63 22.11
CA GLY C 127 5.36 8.36 21.48
C GLY C 127 6.22 9.60 21.44
N LYS C 128 7.44 9.44 20.94
CA LYS C 128 8.41 10.52 20.87
C LYS C 128 9.13 10.47 19.54
N ALA C 129 9.78 11.58 19.20
CA ALA C 129 10.57 11.69 17.97
C ALA C 129 11.83 12.48 18.28
N VAL C 130 12.98 11.84 18.14
CA VAL C 130 14.27 12.45 18.47
C VAL C 130 15.01 12.72 17.16
N THR C 131 15.31 13.99 16.90
CA THR C 131 16.05 14.39 15.71
C THR C 131 17.11 15.40 16.14
N ALA C 132 18.23 15.40 15.40
CA ALA C 132 19.37 16.22 15.81
C ALA C 132 19.06 17.71 15.77
N LYS C 133 18.34 18.18 14.74
CA LYS C 133 18.15 19.59 14.52
C LYS C 133 16.73 20.07 14.84
N GLU C 134 15.87 19.19 15.34
CA GLU C 134 14.50 19.55 15.67
C GLU C 134 14.25 19.36 17.15
N VAL C 135 13.27 20.09 17.68
CA VAL C 135 12.89 19.91 19.07
C VAL C 135 12.28 18.54 19.27
N ILE C 136 12.50 17.95 20.44
CA ILE C 136 11.91 16.66 20.74
C ILE C 136 10.40 16.81 20.85
N THR C 137 9.66 15.97 20.16
CA THR C 137 8.21 16.06 20.08
C THR C 137 7.58 14.85 20.76
N ARG C 138 6.46 15.09 21.44
CA ARG C 138 5.67 14.04 22.06
C ARG C 138 4.33 13.95 21.34
N THR C 139 4.08 12.83 20.68
CA THR C 139 2.83 12.60 19.96
C THR C 139 1.87 11.81 20.83
N VAL C 140 0.64 12.26 20.94
CA VAL C 140 -0.37 11.67 21.79
C VAL C 140 -1.62 11.44 20.96
N LYS C 141 -2.29 10.31 21.20
CA LYS C 141 -3.56 9.99 20.56
C LYS C 141 -4.55 9.54 21.61
N VAL C 142 -5.78 10.04 21.52
CA VAL C 142 -6.83 9.77 22.49
C VAL C 142 -8.02 9.18 21.76
N THR C 143 -8.53 8.07 22.29
CA THR C 143 -9.74 7.45 21.77
C THR C 143 -10.94 7.87 22.61
N ASN C 144 -11.98 8.35 21.94
CA ASN C 144 -13.14 8.92 22.59
C ASN C 144 -14.14 7.83 22.97
N VAL C 145 -15.01 8.16 23.92
CA VAL C 145 -15.98 7.20 24.44
C VAL C 145 -17.39 7.57 24.00
N GLY C 146 -17.50 8.59 23.16
CA GLY C 146 -18.79 8.89 22.56
C GLY C 146 -19.49 10.11 23.12
N ARG C 147 -20.53 10.56 22.42
CA ARG C 147 -21.33 11.72 22.81
C ARG C 147 -20.47 12.97 22.98
N PRO C 148 -19.88 13.49 21.90
CA PRO C 148 -19.10 14.73 22.01
C PRO C 148 -20.02 15.93 22.13
N SER C 149 -19.50 16.99 22.75
CA SER C 149 -20.21 18.25 22.85
C SER C 149 -19.64 19.18 21.78
N MET C 150 -20.17 19.04 20.57
CA MET C 150 -19.69 19.82 19.45
C MET C 150 -19.93 21.30 19.69
N ALA C 151 -19.16 22.13 18.96
CA ALA C 151 -19.26 23.58 19.13
C ALA C 151 -20.61 24.13 18.74
N GLU C 152 -21.32 23.52 17.78
CA GLU C 152 -22.55 24.14 17.32
C GLU C 152 -23.76 23.72 18.14
N ASP C 153 -23.59 22.89 19.18
CA ASP C 153 -24.61 22.77 20.19
C ASP C 153 -24.67 23.99 21.10
N ARG C 154 -23.69 24.89 21.00
CA ARG C 154 -23.67 26.15 21.72
C ARG C 154 -23.81 25.95 23.23
N MET D 1 -21.99 32.15 -21.52
CA MET D 1 -22.61 32.28 -20.21
C MET D 1 -23.98 31.58 -20.10
N PRO D 2 -24.86 31.72 -21.10
CA PRO D 2 -26.09 30.93 -21.09
C PRO D 2 -25.76 29.45 -21.07
N THR D 3 -26.35 28.74 -20.11
CA THR D 3 -25.93 27.39 -19.77
C THR D 3 -26.25 26.39 -20.88
N PRO D 4 -25.25 25.89 -21.62
CA PRO D 4 -25.51 24.86 -22.63
C PRO D 4 -25.41 23.46 -22.05
N ASN D 5 -26.50 22.71 -22.06
CA ASN D 5 -26.42 21.30 -21.68
C ASN D 5 -25.60 20.48 -22.68
N PRO D 6 -25.77 20.61 -24.00
CA PRO D 6 -24.95 19.80 -24.92
C PRO D 6 -23.48 20.17 -24.91
N LEU D 7 -23.09 21.29 -24.31
CA LEU D 7 -21.68 21.61 -24.40
C LEU D 7 -21.00 21.38 -23.05
N PRO D 8 -19.72 20.98 -23.07
CA PRO D 8 -18.99 20.80 -21.81
C PRO D 8 -18.82 22.12 -21.07
N VAL D 9 -18.79 22.03 -19.74
CA VAL D 9 -18.72 23.21 -18.89
C VAL D 9 -17.64 23.00 -17.83
N LYS D 10 -17.12 24.10 -17.32
CA LYS D 10 -16.19 24.08 -16.21
C LYS D 10 -16.94 23.91 -14.90
N GLY D 11 -16.23 23.41 -13.88
CA GLY D 11 -16.90 23.06 -12.64
C GLY D 11 -17.17 24.26 -11.76
N ALA D 12 -16.56 25.40 -12.06
CA ALA D 12 -16.71 26.60 -11.24
C ALA D 12 -18.16 27.04 -11.18
N GLY D 13 -18.67 27.19 -9.95
CA GLY D 13 -20.04 27.60 -9.74
C GLY D 13 -20.94 26.54 -9.15
N THR D 14 -20.42 25.34 -8.89
CA THR D 14 -21.23 24.27 -8.31
C THR D 14 -21.63 24.62 -6.88
N THR D 15 -22.89 24.37 -6.54
CA THR D 15 -23.43 24.69 -5.23
C THR D 15 -24.10 23.46 -4.63
N LEU D 16 -24.27 23.48 -3.32
CA LEU D 16 -24.88 22.39 -2.58
C LEU D 16 -26.13 22.88 -1.85
N TRP D 17 -27.10 21.99 -1.69
CA TRP D 17 -28.33 22.31 -0.96
C TRP D 17 -28.82 21.10 -0.21
N VAL D 18 -29.58 21.36 0.85
CA VAL D 18 -30.19 20.33 1.69
C VAL D 18 -31.67 20.63 1.80
N TYR D 19 -32.51 19.59 1.73
CA TYR D 19 -33.95 19.78 1.76
C TYR D 19 -34.39 20.23 3.15
N LYS D 20 -35.30 21.21 3.19
CA LYS D 20 -35.71 21.76 4.49
C LYS D 20 -36.76 20.89 5.16
N GLY D 21 -37.38 19.98 4.42
CA GLY D 21 -38.26 19.02 5.04
C GLY D 21 -39.69 18.93 4.53
N ASN D 22 -39.94 19.41 3.31
CA ASN D 22 -41.26 19.24 2.70
C ASN D 22 -41.33 17.85 2.06
N GLY D 23 -42.36 17.62 1.25
CA GLY D 23 -42.54 16.33 0.61
C GLY D 23 -42.13 16.34 -0.86
N ASP D 24 -41.83 15.13 -1.35
CA ASP D 24 -41.47 14.87 -2.74
C ASP D 24 -40.25 15.67 -3.16
N PRO D 25 -39.06 15.33 -2.67
CA PRO D 25 -37.85 16.07 -3.10
C PRO D 25 -37.52 15.87 -4.57
N TYR D 26 -37.85 14.72 -5.15
CA TYR D 26 -37.48 14.46 -6.54
C TYR D 26 -38.35 15.22 -7.51
N ALA D 27 -39.51 15.70 -7.07
CA ALA D 27 -40.38 16.48 -7.94
C ALA D 27 -40.02 17.95 -7.90
N ASN D 28 -39.79 18.52 -9.08
CA ASN D 28 -39.36 19.90 -9.25
C ASN D 28 -38.09 20.14 -8.42
N PRO D 29 -36.94 19.63 -8.86
CA PRO D 29 -35.68 19.92 -8.17
C PRO D 29 -34.99 21.20 -8.61
N LEU D 30 -35.51 21.88 -9.62
CA LEU D 30 -34.88 23.08 -10.17
C LEU D 30 -35.34 24.36 -9.48
N SER D 31 -36.12 24.23 -8.41
CA SER D 31 -36.56 25.38 -7.62
C SER D 31 -35.99 25.27 -6.22
N ASP D 32 -35.41 26.38 -5.74
CA ASP D 32 -34.79 26.44 -4.42
C ASP D 32 -35.73 27.00 -3.37
N VAL D 33 -37.04 26.77 -3.51
CA VAL D 33 -38.01 27.40 -2.63
C VAL D 33 -37.95 26.79 -1.23
N ASP D 34 -37.42 25.56 -1.12
CA ASP D 34 -37.36 24.86 0.16
C ASP D 34 -36.04 24.14 0.35
N TRP D 35 -34.94 24.72 -0.11
CA TRP D 35 -33.62 24.11 0.00
C TRP D 35 -32.68 25.10 0.67
N SER D 36 -32.09 24.69 1.80
CA SER D 36 -31.06 25.49 2.42
C SER D 36 -29.73 25.29 1.70
N ARG D 37 -28.89 26.32 1.72
CA ARG D 37 -27.65 26.34 0.98
C ARG D 37 -26.46 26.12 1.91
N LEU D 38 -25.52 25.30 1.48
CA LEU D 38 -24.27 25.08 2.22
C LEU D 38 -23.18 25.89 1.53
N ALA D 39 -22.96 27.11 2.02
CA ALA D 39 -22.03 28.03 1.38
C ALA D 39 -20.59 27.66 1.70
N LYS D 40 -19.67 28.30 0.98
CA LYS D 40 -18.23 28.15 1.20
C LYS D 40 -17.79 26.69 1.03
N VAL D 41 -17.93 26.19 -0.18
CA VAL D 41 -17.53 24.83 -0.53
C VAL D 41 -16.12 24.87 -1.10
N LYS D 42 -15.21 24.11 -0.49
CA LYS D 42 -13.84 24.01 -0.96
C LYS D 42 -13.69 23.01 -2.09
N ASP D 43 -14.11 21.76 -1.87
CA ASP D 43 -14.12 20.77 -2.93
C ASP D 43 -15.26 19.79 -2.67
N LEU D 44 -15.63 19.07 -3.73
CA LEU D 44 -16.79 18.19 -3.70
C LEU D 44 -16.56 17.02 -4.65
N THR D 45 -16.67 15.81 -4.13
CA THR D 45 -16.59 14.57 -4.92
C THR D 45 -17.94 13.88 -4.86
N PRO D 46 -18.69 13.84 -5.95
CA PRO D 46 -20.02 13.21 -5.92
C PRO D 46 -19.91 11.70 -5.79
N GLY D 47 -21.07 11.08 -5.57
CA GLY D 47 -21.10 9.64 -5.39
C GLY D 47 -20.79 8.90 -6.68
N GLU D 48 -20.24 7.70 -6.50
CA GLU D 48 -19.89 6.82 -7.62
C GLU D 48 -20.91 5.70 -7.67
N LEU D 49 -21.70 5.66 -8.73
CA LEU D 49 -22.74 4.66 -8.88
C LEU D 49 -22.11 3.36 -9.38
N THR D 50 -21.91 2.41 -8.47
CA THR D 50 -21.29 1.13 -8.79
C THR D 50 -22.35 0.04 -8.88
N ALA D 51 -21.90 -1.17 -9.23
CA ALA D 51 -22.79 -2.31 -9.34
C ALA D 51 -22.02 -3.58 -9.07
N GLU D 52 -22.66 -4.54 -8.42
CA GLU D 52 -22.04 -5.82 -8.11
C GLU D 52 -22.26 -6.80 -9.25
N SER D 53 -21.19 -7.49 -9.63
CA SER D 53 -21.30 -8.49 -10.67
C SER D 53 -22.03 -9.72 -10.14
N TYR D 54 -22.96 -10.24 -10.95
CA TYR D 54 -23.73 -11.43 -10.60
C TYR D 54 -23.33 -12.57 -11.53
N ASP D 55 -22.98 -13.70 -10.95
CA ASP D 55 -22.48 -14.83 -11.72
C ASP D 55 -23.64 -15.51 -12.44
N ASP D 56 -23.46 -15.80 -13.73
CA ASP D 56 -24.50 -16.41 -14.55
C ASP D 56 -24.03 -17.67 -15.28
N SER D 57 -23.08 -18.40 -14.70
CA SER D 57 -22.55 -19.60 -15.32
C SER D 57 -23.15 -20.84 -14.67
N TYR D 58 -23.70 -21.72 -15.49
CA TYR D 58 -24.23 -23.00 -15.04
C TYR D 58 -23.28 -24.12 -15.48
N LEU D 59 -23.49 -25.30 -14.89
CA LEU D 59 -22.73 -26.46 -15.32
C LEU D 59 -23.17 -26.95 -16.69
N ASP D 60 -24.44 -26.71 -17.05
CA ASP D 60 -25.00 -27.25 -18.27
C ASP D 60 -24.57 -26.51 -19.52
N ASP D 61 -24.07 -25.29 -19.40
CA ASP D 61 -23.74 -24.48 -20.57
C ASP D 61 -22.57 -25.09 -21.32
N GLU D 62 -22.47 -24.77 -22.61
CA GLU D 62 -21.42 -25.36 -23.44
C GLU D 62 -20.17 -24.50 -23.45
N ASP D 63 -20.34 -23.18 -23.48
CA ASP D 63 -19.22 -22.25 -23.56
C ASP D 63 -18.76 -21.91 -22.16
N ALA D 64 -17.77 -22.66 -21.66
CA ALA D 64 -17.20 -22.44 -20.35
C ALA D 64 -15.80 -21.83 -20.43
N ASP D 65 -15.46 -21.22 -21.56
CA ASP D 65 -14.13 -20.64 -21.75
C ASP D 65 -14.04 -19.20 -21.29
N TRP D 66 -15.13 -18.45 -21.37
CA TRP D 66 -15.14 -17.05 -21.01
C TRP D 66 -16.15 -16.79 -19.91
N THR D 67 -15.77 -15.94 -18.96
CA THR D 67 -16.67 -15.61 -17.85
C THR D 67 -17.88 -14.86 -18.36
N ALA D 68 -19.06 -15.27 -17.90
CA ALA D 68 -20.31 -14.60 -18.22
C ALA D 68 -20.95 -14.09 -16.94
N THR D 69 -21.21 -12.79 -16.90
CA THR D 69 -21.75 -12.15 -15.71
C THR D 69 -22.87 -11.21 -16.12
N GLY D 70 -23.54 -10.63 -15.13
CA GLY D 70 -24.61 -9.69 -15.37
C GLY D 70 -24.74 -8.74 -14.22
N GLN D 71 -25.23 -7.53 -14.50
CA GLN D 71 -25.34 -6.51 -13.48
C GLN D 71 -26.31 -6.92 -12.40
N GLY D 72 -25.99 -6.57 -11.15
CA GLY D 72 -26.86 -6.90 -10.04
C GLY D 72 -26.68 -6.02 -8.82
N GLN D 73 -27.79 -5.49 -8.31
CA GLN D 73 -27.82 -4.72 -7.07
C GLN D 73 -26.87 -3.50 -7.17
N LYS D 74 -27.27 -2.59 -8.05
CA LYS D 74 -26.55 -1.33 -8.20
C LYS D 74 -26.64 -0.52 -6.93
N SER D 75 -25.59 0.23 -6.62
CA SER D 75 -25.51 0.99 -5.38
C SER D 75 -24.91 2.35 -5.66
N ALA D 76 -25.55 3.41 -5.13
CA ALA D 76 -24.94 4.72 -5.14
C ALA D 76 -23.87 4.81 -4.06
N GLY D 77 -22.78 5.49 -4.37
CA GLY D 77 -21.62 5.55 -3.49
C GLY D 77 -21.72 6.66 -2.47
N ASP D 78 -20.56 7.09 -1.99
CA ASP D 78 -20.48 8.15 -0.99
C ASP D 78 -20.14 9.48 -1.65
N THR D 79 -20.74 10.55 -1.15
CA THR D 79 -20.50 11.91 -1.62
C THR D 79 -19.75 12.65 -0.52
N SER D 80 -18.59 13.19 -0.85
CA SER D 80 -17.72 13.81 0.14
C SER D 80 -17.41 15.25 -0.24
N PHE D 81 -17.77 16.18 0.65
CA PHE D 81 -17.55 17.59 0.38
C PHE D 81 -16.90 18.25 1.59
N THR D 82 -16.07 19.25 1.32
CA THR D 82 -15.38 19.99 2.36
C THR D 82 -15.84 21.44 2.34
N LEU D 83 -16.25 21.94 3.49
CA LEU D 83 -16.69 23.32 3.65
C LEU D 83 -15.74 24.08 4.54
N ALA D 84 -15.90 25.40 4.57
CA ALA D 84 -15.21 26.24 5.54
C ALA D 84 -15.97 26.20 6.85
N TRP D 85 -15.23 26.03 7.95
CA TRP D 85 -15.85 25.80 9.25
C TRP D 85 -16.51 27.10 9.72
N MET D 86 -17.84 27.11 9.72
CA MET D 86 -18.62 28.26 10.17
C MET D 86 -19.68 27.76 11.15
N PRO D 87 -19.36 27.62 12.43
CA PRO D 87 -20.32 27.02 13.37
C PRO D 87 -21.61 27.80 13.51
N GLY D 88 -21.57 29.13 13.37
CA GLY D 88 -22.77 29.93 13.48
C GLY D 88 -23.70 29.86 12.30
N GLU D 89 -23.24 29.33 11.18
CA GLU D 89 -24.08 29.21 10.00
C GLU D 89 -25.21 28.21 10.24
N GLN D 90 -26.41 28.54 9.77
CA GLN D 90 -27.54 27.66 9.97
C GLN D 90 -27.36 26.35 9.23
N GLY D 91 -26.68 26.38 8.09
CA GLY D 91 -26.50 25.18 7.31
C GLY D 91 -25.71 24.11 8.04
N GLN D 92 -24.61 24.49 8.68
CA GLN D 92 -23.78 23.50 9.37
C GLN D 92 -24.43 23.01 10.66
N GLN D 93 -25.17 23.89 11.35
CA GLN D 93 -25.95 23.45 12.50
C GLN D 93 -26.99 22.42 12.07
N ALA D 94 -27.66 22.69 10.94
CA ALA D 94 -28.61 21.71 10.41
C ALA D 94 -27.89 20.43 9.99
N LEU D 95 -26.65 20.55 9.52
CA LEU D 95 -25.89 19.38 9.09
C LEU D 95 -25.57 18.46 10.28
N LEU D 96 -25.13 19.03 11.40
CA LEU D 96 -24.87 18.17 12.57
C LEU D 96 -26.16 17.77 13.28
N ALA D 97 -27.24 18.54 13.14
CA ALA D 97 -28.54 18.01 13.55
C ALA D 97 -28.90 16.77 12.73
N TRP D 98 -28.62 16.82 11.43
CA TRP D 98 -28.77 15.66 10.54
C TRP D 98 -27.92 14.49 11.01
N PHE D 99 -26.67 14.77 11.38
CA PHE D 99 -25.78 13.70 11.84
C PHE D 99 -26.28 13.07 13.14
N ASN D 100 -26.72 13.90 14.09
CA ASN D 100 -27.10 13.39 15.40
C ASN D 100 -28.53 12.86 15.40
N GLU D 101 -29.26 13.06 14.31
CA GLU D 101 -30.61 12.52 14.24
C GLU D 101 -30.64 11.16 13.56
N GLY D 102 -29.82 10.98 12.52
CA GLY D 102 -29.73 9.71 11.86
C GLY D 102 -30.67 9.52 10.68
N ASP D 103 -31.56 10.46 10.42
CA ASP D 103 -32.50 10.32 9.32
C ASP D 103 -31.77 10.49 7.99
N THR D 104 -32.43 10.04 6.92
CA THR D 104 -31.93 10.20 5.56
C THR D 104 -32.61 11.39 4.92
N ARG D 105 -31.81 12.37 4.49
CA ARG D 105 -32.32 13.60 3.90
C ARG D 105 -31.88 13.67 2.44
N ALA D 106 -32.50 14.58 1.70
CA ALA D 106 -32.26 14.76 0.28
C ALA D 106 -31.38 15.98 0.06
N TYR D 107 -30.20 15.78 -0.52
CA TYR D 107 -29.30 16.86 -0.83
C TYR D 107 -29.12 16.97 -2.34
N LYS D 108 -29.01 18.21 -2.81
CA LYS D 108 -28.95 18.54 -4.22
C LYS D 108 -27.62 19.19 -4.55
N ILE D 109 -27.07 18.86 -5.72
CA ILE D 109 -25.89 19.49 -6.26
C ILE D 109 -26.33 20.25 -7.50
N ARG D 110 -26.12 21.56 -7.50
CA ARG D 110 -26.51 22.42 -8.61
C ARG D 110 -25.26 22.80 -9.40
N PHE D 111 -25.18 22.32 -10.63
CA PHE D 111 -24.05 22.58 -11.51
C PHE D 111 -24.23 23.91 -12.23
N PRO D 112 -23.16 24.43 -12.84
CA PRO D 112 -23.31 25.69 -13.60
C PRO D 112 -24.30 25.58 -14.75
N ASN D 113 -24.56 24.38 -15.26
CA ASN D 113 -25.59 24.19 -16.25
C ASN D 113 -26.97 24.30 -15.60
N GLY D 114 -28.01 24.16 -16.41
CA GLY D 114 -29.36 24.13 -15.90
C GLY D 114 -29.78 22.74 -15.46
N THR D 115 -28.89 22.05 -14.75
CA THR D 115 -29.11 20.67 -14.35
C THR D 115 -28.79 20.51 -12.87
N VAL D 116 -29.47 19.57 -12.23
CA VAL D 116 -29.32 19.31 -10.81
C VAL D 116 -29.10 17.81 -10.60
N ASP D 117 -28.49 17.48 -9.45
CA ASP D 117 -28.21 16.10 -9.07
C ASP D 117 -28.76 15.91 -7.66
N VAL D 118 -29.86 15.18 -7.53
CA VAL D 118 -30.53 15.00 -6.25
C VAL D 118 -30.25 13.60 -5.74
N PHE D 119 -29.77 13.51 -4.50
CA PHE D 119 -29.54 12.22 -3.85
C PHE D 119 -30.25 12.22 -2.50
N ARG D 120 -30.52 11.02 -2.00
CA ARG D 120 -31.04 10.83 -0.65
C ARG D 120 -30.06 9.97 0.12
N GLY D 121 -29.65 10.45 1.29
CA GLY D 121 -28.66 9.70 2.06
C GLY D 121 -28.58 10.18 3.48
N TRP D 122 -27.70 9.53 4.23
CA TRP D 122 -27.41 9.86 5.62
C TRP D 122 -25.93 10.11 5.77
N VAL D 123 -25.57 11.12 6.57
CA VAL D 123 -24.17 11.46 6.75
C VAL D 123 -23.50 10.42 7.63
N SER D 124 -22.31 9.96 7.20
CA SER D 124 -21.59 8.90 7.90
C SER D 124 -20.22 9.30 8.39
N SER D 125 -19.79 10.54 8.13
CA SER D 125 -18.45 10.96 8.53
C SER D 125 -18.41 12.48 8.60
N ILE D 126 -17.85 13.00 9.69
CA ILE D 126 -17.68 14.44 9.88
C ILE D 126 -16.37 14.67 10.61
N GLY D 127 -15.49 15.47 10.01
CA GLY D 127 -14.17 15.71 10.57
C GLY D 127 -13.74 17.14 10.35
N LYS D 128 -12.57 17.47 10.90
CA LYS D 128 -12.03 18.81 10.83
C LYS D 128 -10.54 18.75 10.52
N ALA D 129 -9.99 19.88 10.09
CA ALA D 129 -8.56 20.00 9.81
C ALA D 129 -8.09 21.36 10.29
N VAL D 130 -7.20 21.38 11.27
CA VAL D 130 -6.70 22.61 11.87
C VAL D 130 -5.26 22.82 11.43
N THR D 131 -5.02 23.93 10.73
CA THR D 131 -3.68 24.29 10.28
C THR D 131 -3.45 25.76 10.58
N ALA D 132 -2.18 26.12 10.83
CA ALA D 132 -1.87 27.47 11.29
C ALA D 132 -2.20 28.51 10.23
N LYS D 133 -1.90 28.24 8.96
CA LYS D 133 -2.01 29.25 7.91
C LYS D 133 -3.20 29.01 6.98
N GLU D 134 -4.03 28.01 7.25
CA GLU D 134 -5.18 27.71 6.41
C GLU D 134 -6.46 27.87 7.22
N VAL D 135 -7.57 28.12 6.51
CA VAL D 135 -8.86 28.20 7.18
C VAL D 135 -9.24 26.83 7.70
N ILE D 136 -9.94 26.79 8.83
CA ILE D 136 -10.39 25.53 9.38
C ILE D 136 -11.45 24.94 8.45
N THR D 137 -11.28 23.68 8.09
CA THR D 137 -12.15 23.02 7.13
C THR D 137 -12.93 21.91 7.81
N ARG D 138 -14.19 21.73 7.39
CA ARG D 138 -15.04 20.66 7.87
C ARG D 138 -15.32 19.72 6.71
N THR D 139 -14.85 18.48 6.81
CA THR D 139 -15.05 17.47 5.79
C THR D 139 -16.24 16.60 6.17
N VAL D 140 -17.14 16.39 5.22
CA VAL D 140 -18.37 15.64 5.44
C VAL D 140 -18.50 14.59 4.35
N LYS D 141 -18.98 13.40 4.72
CA LYS D 141 -19.24 12.33 3.77
C LYS D 141 -20.62 11.77 4.03
N VAL D 142 -21.37 11.54 2.97
CA VAL D 142 -22.76 11.09 3.04
C VAL D 142 -22.88 9.79 2.25
N THR D 143 -23.48 8.78 2.87
CA THR D 143 -23.77 7.52 2.20
C THR D 143 -25.22 7.52 1.73
N ASN D 144 -25.41 7.20 0.45
CA ASN D 144 -26.71 7.27 -0.19
C ASN D 144 -27.50 5.99 0.03
N VAL D 145 -28.81 6.10 -0.14
CA VAL D 145 -29.72 4.99 0.13
C VAL D 145 -30.31 4.46 -1.18
N GLY D 146 -29.84 4.99 -2.31
CA GLY D 146 -30.22 4.43 -3.58
C GLY D 146 -31.22 5.24 -4.38
N ARG D 147 -31.38 4.88 -5.65
CA ARG D 147 -32.31 5.55 -6.56
C ARG D 147 -32.04 7.04 -6.66
N PRO D 148 -30.89 7.45 -7.20
CA PRO D 148 -30.63 8.88 -7.37
C PRO D 148 -31.42 9.45 -8.54
N SER D 149 -31.70 10.74 -8.47
CA SER D 149 -32.36 11.46 -9.56
C SER D 149 -31.28 12.19 -10.35
N MET D 150 -30.67 11.46 -11.28
CA MET D 150 -29.58 12.01 -12.07
C MET D 150 -30.08 13.18 -12.91
N ALA D 151 -29.12 14.02 -13.33
CA ALA D 151 -29.48 15.20 -14.10
C ALA D 151 -30.09 14.87 -15.46
N GLU D 152 -29.71 13.75 -16.07
CA GLU D 152 -30.21 13.50 -17.42
C GLU D 152 -31.55 12.79 -17.44
N ASP D 153 -32.14 12.51 -16.28
CA ASP D 153 -33.57 12.18 -16.25
C ASP D 153 -34.43 13.42 -16.46
N ARG D 154 -33.84 14.61 -16.44
CA ARG D 154 -34.52 15.86 -16.74
C ARG D 154 -35.75 16.06 -15.86
N MET E 1 32.71 -4.81 -29.54
CA MET E 1 31.60 -5.31 -30.35
C MET E 1 31.51 -6.85 -30.38
N PRO E 2 32.63 -7.55 -30.56
CA PRO E 2 32.58 -9.02 -30.43
C PRO E 2 32.08 -9.41 -29.04
N THR E 3 31.06 -10.25 -29.02
CA THR E 3 30.28 -10.51 -27.81
C THR E 3 31.10 -11.24 -26.75
N PRO E 4 31.49 -10.57 -25.67
CA PRO E 4 32.19 -11.28 -24.58
C PRO E 4 31.23 -11.82 -23.54
N ASN E 5 31.19 -13.15 -23.38
CA ASN E 5 30.40 -13.71 -22.28
C ASN E 5 30.98 -13.36 -20.91
N PRO E 6 32.29 -13.45 -20.67
CA PRO E 6 32.80 -13.09 -19.33
C PRO E 6 32.67 -11.61 -19.00
N LEU E 7 32.39 -10.76 -19.98
CA LEU E 7 32.34 -9.35 -19.60
C LEU E 7 30.90 -8.85 -19.55
N PRO E 8 30.60 -7.90 -18.67
CA PRO E 8 29.24 -7.34 -18.61
C PRO E 8 28.90 -6.59 -19.89
N VAL E 9 27.61 -6.61 -20.24
CA VAL E 9 27.14 -6.01 -21.48
C VAL E 9 25.91 -5.16 -21.18
N LYS E 10 25.67 -4.19 -22.06
CA LYS E 10 24.47 -3.37 -21.99
C LYS E 10 23.29 -4.13 -22.60
N GLY E 11 22.08 -3.74 -22.21
CA GLY E 11 20.90 -4.49 -22.61
C GLY E 11 20.46 -4.18 -24.02
N ALA E 12 20.98 -3.12 -24.62
CA ALA E 12 20.58 -2.71 -25.95
C ALA E 12 20.87 -3.79 -26.98
N GLY E 13 19.84 -4.18 -27.73
CA GLY E 13 19.96 -5.21 -28.74
C GLY E 13 19.23 -6.51 -28.43
N THR E 14 18.56 -6.59 -27.28
CA THR E 14 17.83 -7.80 -26.92
C THR E 14 16.64 -8.00 -27.85
N THR E 15 16.45 -9.25 -28.30
CA THR E 15 15.38 -9.58 -29.23
C THR E 15 14.57 -10.75 -28.68
N LEU E 16 13.35 -10.89 -29.20
CA LEU E 16 12.44 -11.94 -28.79
C LEU E 16 12.08 -12.82 -29.99
N TRP E 17 11.81 -14.10 -29.72
CA TRP E 17 11.43 -15.04 -30.75
C TRP E 17 10.42 -16.03 -30.18
N VAL E 18 9.62 -16.60 -31.08
CA VAL E 18 8.62 -17.61 -30.75
C VAL E 18 8.83 -18.79 -31.68
N TYR E 19 8.72 -20.02 -31.15
CA TYR E 19 8.98 -21.21 -31.93
C TYR E 19 7.86 -21.41 -32.96
N LYS E 20 8.25 -21.76 -34.20
CA LYS E 20 7.25 -21.88 -35.25
C LYS E 20 6.51 -23.21 -35.19
N GLY E 21 7.06 -24.19 -34.46
CA GLY E 21 6.31 -25.41 -34.23
C GLY E 21 6.99 -26.71 -34.61
N ASN E 22 8.32 -26.71 -34.72
CA ASN E 22 9.05 -27.95 -34.95
C ASN E 22 9.26 -28.65 -33.60
N GLY E 23 10.13 -29.67 -33.59
CA GLY E 23 10.38 -30.42 -32.38
C GLY E 23 11.71 -30.05 -31.72
N ASP E 24 11.78 -30.33 -30.42
CA ASP E 24 12.96 -30.13 -29.59
C ASP E 24 13.41 -28.67 -29.59
N PRO E 25 12.65 -27.77 -28.96
CA PRO E 25 13.09 -26.36 -28.91
C PRO E 25 14.37 -26.14 -28.13
N TYR E 26 14.64 -26.96 -27.10
CA TYR E 26 15.82 -26.75 -26.27
C TYR E 26 17.10 -27.17 -26.98
N ALA E 27 16.99 -27.99 -28.02
CA ALA E 27 18.17 -28.40 -28.76
C ALA E 27 18.51 -27.39 -29.85
N ASN E 28 19.76 -26.93 -29.85
CA ASN E 28 20.24 -25.91 -30.77
C ASN E 28 19.33 -24.67 -30.70
N PRO E 29 19.43 -23.89 -29.63
CA PRO E 29 18.66 -22.64 -29.54
C PRO E 29 19.34 -21.44 -30.18
N LEU E 30 20.58 -21.58 -30.64
CA LEU E 30 21.34 -20.48 -31.20
C LEU E 30 21.13 -20.30 -32.70
N SER E 31 20.21 -21.06 -33.29
CA SER E 31 19.87 -20.92 -34.69
C SER E 31 18.42 -20.47 -34.82
N ASP E 32 18.20 -19.44 -35.65
CA ASP E 32 16.88 -18.89 -35.87
C ASP E 32 16.19 -19.46 -37.09
N VAL E 33 16.45 -20.73 -37.41
CA VAL E 33 15.95 -21.30 -38.66
C VAL E 33 14.44 -21.54 -38.57
N ASP E 34 13.90 -21.63 -37.36
CA ASP E 34 12.49 -21.91 -37.16
C ASP E 34 11.88 -21.07 -36.03
N TRP E 35 12.33 -19.82 -35.90
CA TRP E 35 11.84 -18.92 -34.85
C TRP E 35 11.35 -17.64 -35.50
N SER E 36 10.08 -17.31 -35.27
CA SER E 36 9.56 -16.03 -35.70
C SER E 36 9.98 -14.94 -34.73
N ARG E 37 10.12 -13.72 -35.24
CA ARG E 37 10.65 -12.60 -34.46
C ARG E 37 9.51 -11.66 -34.08
N LEU E 38 9.54 -11.18 -32.84
CA LEU E 38 8.59 -10.18 -32.36
C LEU E 38 9.30 -8.84 -32.34
N ALA E 39 9.16 -8.09 -33.43
CA ALA E 39 9.89 -6.84 -33.59
C ALA E 39 9.25 -5.72 -32.77
N LYS E 40 9.98 -4.61 -32.67
CA LYS E 40 9.52 -3.40 -31.99
C LYS E 40 9.17 -3.68 -30.53
N VAL E 41 10.21 -4.03 -29.76
CA VAL E 41 10.07 -4.29 -28.34
C VAL E 41 10.41 -3.02 -27.57
N LYS E 42 9.47 -2.57 -26.74
CA LYS E 42 9.68 -1.38 -25.91
C LYS E 42 10.44 -1.72 -24.64
N ASP E 43 9.92 -2.65 -23.85
CA ASP E 43 10.64 -3.12 -22.66
C ASP E 43 10.30 -4.58 -22.42
N LEU E 44 11.15 -5.23 -21.63
CA LEU E 44 11.04 -6.67 -21.40
C LEU E 44 11.56 -6.99 -20.01
N THR E 45 10.73 -7.66 -19.20
CA THR E 45 11.11 -8.14 -17.88
C THR E 45 11.05 -9.66 -17.90
N PRO E 46 12.20 -10.34 -17.83
CA PRO E 46 12.19 -11.81 -17.88
C PRO E 46 11.61 -12.41 -16.61
N GLY E 47 11.40 -13.72 -16.66
CA GLY E 47 10.83 -14.41 -15.53
C GLY E 47 11.77 -14.46 -14.34
N GLU E 48 11.19 -14.52 -13.16
CA GLU E 48 11.93 -14.61 -11.91
C GLU E 48 11.81 -16.03 -11.38
N LEU E 49 12.93 -16.75 -11.36
CA LEU E 49 12.93 -18.13 -10.90
C LEU E 49 12.92 -18.16 -9.38
N THR E 50 11.77 -18.43 -8.79
CA THR E 50 11.60 -18.47 -7.35
C THR E 50 11.54 -19.91 -6.85
N ALA E 51 11.44 -20.05 -5.53
CA ALA E 51 11.36 -21.37 -4.93
C ALA E 51 10.62 -21.27 -3.61
N GLU E 52 9.82 -22.28 -3.30
CA GLU E 52 9.06 -22.32 -2.06
C GLU E 52 9.90 -22.95 -0.95
N SER E 53 9.88 -22.33 0.23
CA SER E 53 10.60 -22.88 1.36
C SER E 53 9.85 -24.09 1.91
N TYR E 54 10.61 -25.14 2.21
CA TYR E 54 10.06 -26.38 2.75
C TYR E 54 10.55 -26.55 4.18
N ASP E 55 9.62 -26.75 5.10
CA ASP E 55 9.95 -26.84 6.52
C ASP E 55 10.60 -28.17 6.82
N ASP E 56 11.70 -28.14 7.57
CA ASP E 56 12.47 -29.33 7.90
C ASP E 56 12.71 -29.48 9.39
N SER E 57 11.81 -28.98 10.23
CA SER E 57 11.98 -29.07 11.68
C SER E 57 11.09 -30.17 12.24
N TYR E 58 11.70 -31.07 13.02
CA TYR E 58 10.99 -32.12 13.71
C TYR E 58 10.92 -31.79 15.20
N LEU E 59 10.07 -32.52 15.91
CA LEU E 59 10.01 -32.36 17.36
C LEU E 59 11.24 -32.98 18.03
N ASP E 60 11.84 -34.00 17.41
CA ASP E 60 12.92 -34.74 18.02
C ASP E 60 14.25 -34.01 17.98
N ASP E 61 14.41 -33.00 17.13
CA ASP E 61 15.70 -32.34 16.98
C ASP E 61 16.06 -31.57 18.25
N GLU E 62 17.36 -31.33 18.45
CA GLU E 62 17.80 -30.67 19.67
C GLU E 62 17.87 -29.16 19.47
N ASP E 63 18.30 -28.71 18.30
CA ASP E 63 18.48 -27.28 18.03
C ASP E 63 17.18 -26.72 17.49
N ALA E 64 16.34 -26.19 18.38
CA ALA E 64 15.08 -25.59 18.02
C ALA E 64 15.12 -24.06 18.14
N ASP E 65 16.31 -23.47 18.15
CA ASP E 65 16.45 -22.04 18.29
C ASP E 65 16.42 -21.29 16.97
N TRP E 66 16.88 -21.92 15.89
CA TRP E 66 16.95 -21.28 14.58
C TRP E 66 16.14 -22.07 13.57
N THR E 67 15.42 -21.35 12.71
CA THR E 67 14.62 -21.99 11.69
C THR E 67 15.50 -22.73 10.70
N ALA E 68 15.13 -23.96 10.39
CA ALA E 68 15.82 -24.77 9.40
C ALA E 68 14.86 -25.10 8.27
N THR E 69 15.23 -24.74 7.04
CA THR E 69 14.36 -24.94 5.89
C THR E 69 15.20 -25.50 4.75
N GLY E 70 14.54 -25.82 3.65
CA GLY E 70 15.21 -26.35 2.47
C GLY E 70 14.41 -26.03 1.23
N GLN E 71 15.10 -25.91 0.11
CA GLN E 71 14.44 -25.54 -1.13
C GLN E 71 13.45 -26.60 -1.56
N GLY E 72 12.34 -26.17 -2.13
CA GLY E 72 11.32 -27.09 -2.59
C GLY E 72 10.39 -26.53 -3.65
N GLN E 73 10.23 -27.27 -4.74
CA GLN E 73 9.29 -26.95 -5.81
C GLN E 73 9.59 -25.56 -6.39
N LYS E 74 10.74 -25.49 -7.04
CA LYS E 74 11.14 -24.27 -7.73
C LYS E 74 10.18 -23.99 -8.88
N SER E 75 9.95 -22.70 -9.16
CA SER E 75 8.98 -22.30 -10.16
C SER E 75 9.55 -21.13 -10.96
N ALA E 76 9.45 -21.22 -12.29
CA ALA E 76 9.76 -20.08 -13.14
C ALA E 76 8.58 -19.09 -13.09
N GLY E 77 8.91 -17.80 -13.10
CA GLY E 77 7.93 -16.76 -12.93
C GLY E 77 7.29 -16.34 -14.25
N ASP E 78 6.78 -15.11 -14.27
CA ASP E 78 6.14 -14.55 -15.45
C ASP E 78 7.09 -13.64 -16.20
N THR E 79 7.02 -13.70 -17.53
CA THR E 79 7.82 -12.85 -18.40
C THR E 79 6.89 -11.85 -19.07
N SER E 80 7.18 -10.57 -18.91
CA SER E 80 6.28 -9.51 -19.37
C SER E 80 7.01 -8.59 -20.33
N PHE E 81 6.50 -8.48 -21.56
CA PHE E 81 7.12 -7.63 -22.56
C PHE E 81 6.07 -6.76 -23.23
N THR E 82 6.49 -5.56 -23.61
CA THR E 82 5.61 -4.61 -24.29
C THR E 82 6.12 -4.36 -25.70
N LEU E 83 5.24 -4.50 -26.68
CA LEU E 83 5.57 -4.26 -28.08
C LEU E 83 4.78 -3.06 -28.60
N ALA E 84 5.17 -2.60 -29.78
CA ALA E 84 4.40 -1.61 -30.50
C ALA E 84 3.25 -2.31 -31.23
N TRP E 85 2.06 -1.74 -31.13
CA TRP E 85 0.85 -2.39 -31.63
C TRP E 85 0.88 -2.39 -33.15
N MET E 86 1.10 -3.56 -33.74
CA MET E 86 1.12 -3.74 -35.19
C MET E 86 0.22 -4.92 -35.55
N PRO E 87 -1.09 -4.70 -35.72
CA PRO E 87 -2.00 -5.84 -35.93
C PRO E 87 -1.71 -6.62 -37.20
N GLY E 88 -1.19 -5.97 -38.24
CA GLY E 88 -0.89 -6.67 -39.48
C GLY E 88 0.36 -7.52 -39.44
N GLU E 89 1.19 -7.35 -38.42
CA GLU E 89 2.40 -8.16 -38.30
C GLU E 89 2.05 -9.61 -38.02
N GLN E 90 2.78 -10.52 -38.68
CA GLN E 90 2.51 -11.94 -38.48
C GLN E 90 2.81 -12.38 -37.06
N GLY E 91 3.78 -11.74 -36.42
CA GLY E 91 4.15 -12.13 -35.07
C GLY E 91 3.03 -11.93 -34.07
N GLN E 92 2.36 -10.78 -34.12
CA GLN E 92 1.30 -10.50 -33.17
C GLN E 92 0.04 -11.32 -33.46
N GLN E 93 -0.25 -11.56 -34.74
CA GLN E 93 -1.34 -12.46 -35.08
C GLN E 93 -1.07 -13.86 -34.53
N ALA E 94 0.17 -14.33 -34.67
CA ALA E 94 0.53 -15.61 -34.08
C ALA E 94 0.45 -15.56 -32.56
N LEU E 95 0.74 -14.40 -31.97
CA LEU E 95 0.69 -14.27 -30.52
C LEU E 95 -0.75 -14.40 -29.99
N LEU E 96 -1.71 -13.76 -30.65
CA LEU E 96 -3.10 -13.93 -30.20
C LEU E 96 -3.69 -15.26 -30.65
N ALA E 97 -3.17 -15.87 -31.72
CA ALA E 97 -3.50 -17.27 -31.97
C ALA E 97 -3.04 -18.15 -30.82
N TRP E 98 -1.83 -17.88 -30.31
CA TRP E 98 -1.32 -18.54 -29.11
C TRP E 98 -2.22 -18.31 -27.92
N PHE E 99 -2.69 -17.08 -27.73
CA PHE E 99 -3.57 -16.78 -26.60
C PHE E 99 -4.90 -17.51 -26.72
N ASN E 100 -5.48 -17.54 -27.92
CA ASN E 100 -6.81 -18.11 -28.08
C ASN E 100 -6.75 -19.62 -28.25
N GLU E 101 -5.54 -20.18 -28.37
CA GLU E 101 -5.43 -21.63 -28.49
C GLU E 101 -5.17 -22.27 -27.13
N GLY E 102 -4.38 -21.62 -26.29
CA GLY E 102 -4.13 -22.13 -24.96
C GLY E 102 -2.93 -23.03 -24.82
N ASP E 103 -2.28 -23.40 -25.91
CA ASP E 103 -1.12 -24.29 -25.84
C ASP E 103 0.07 -23.56 -25.23
N THR E 104 1.05 -24.35 -24.78
CA THR E 104 2.30 -23.82 -24.26
C THR E 104 3.36 -23.88 -25.35
N ARG E 105 3.92 -22.73 -25.68
CA ARG E 105 4.91 -22.60 -26.74
C ARG E 105 6.25 -22.18 -26.13
N ALA E 106 7.30 -22.31 -26.93
CA ALA E 106 8.66 -22.00 -26.50
C ALA E 106 9.09 -20.66 -27.08
N TYR E 107 9.39 -19.71 -26.21
CA TYR E 107 9.86 -18.40 -26.63
C TYR E 107 11.30 -18.19 -26.15
N LYS E 108 12.07 -17.52 -26.99
CA LYS E 108 13.50 -17.31 -26.77
C LYS E 108 13.80 -15.82 -26.64
N ILE E 109 14.71 -15.49 -25.74
CA ILE E 109 15.23 -14.14 -25.58
C ILE E 109 16.70 -14.18 -26.01
N ARG E 110 17.04 -13.39 -27.03
CA ARG E 110 18.40 -13.34 -27.54
C ARG E 110 19.06 -12.06 -27.07
N PHE E 111 20.08 -12.20 -26.23
CA PHE E 111 20.79 -11.06 -25.67
C PHE E 111 21.89 -10.61 -26.62
N PRO E 112 22.45 -9.43 -26.41
CA PRO E 112 23.56 -8.98 -27.27
C PRO E 112 24.77 -9.90 -27.23
N ASN E 113 24.94 -10.68 -26.17
CA ASN E 113 25.99 -11.69 -26.13
C ASN E 113 25.61 -12.87 -27.04
N GLY E 114 26.50 -13.85 -27.09
CA GLY E 114 26.22 -15.06 -27.82
C GLY E 114 25.45 -16.07 -26.98
N THR E 115 24.45 -15.59 -26.24
CA THR E 115 23.71 -16.44 -25.32
C THR E 115 22.22 -16.22 -25.53
N VAL E 116 21.45 -17.27 -25.24
CA VAL E 116 20.00 -17.26 -25.42
C VAL E 116 19.34 -17.75 -24.15
N ASP E 117 18.07 -17.37 -23.97
CA ASP E 117 17.26 -17.76 -22.82
C ASP E 117 15.96 -18.33 -23.36
N VAL E 118 15.79 -19.64 -23.26
CA VAL E 118 14.64 -20.32 -23.83
C VAL E 118 13.71 -20.72 -22.69
N PHE E 119 12.43 -20.35 -22.80
CA PHE E 119 11.42 -20.74 -21.84
C PHE E 119 10.25 -21.37 -22.59
N ARG E 120 9.47 -22.16 -21.87
CA ARG E 120 8.22 -22.72 -22.37
C ARG E 120 7.09 -22.24 -21.48
N GLY E 121 6.06 -21.67 -22.08
CA GLY E 121 4.96 -21.14 -21.27
C GLY E 121 3.75 -20.85 -22.11
N TRP E 122 2.71 -20.37 -21.42
CA TRP E 122 1.46 -19.97 -22.04
C TRP E 122 1.15 -18.53 -21.65
N VAL E 123 0.64 -17.76 -22.61
CA VAL E 123 0.36 -16.35 -22.35
C VAL E 123 -0.88 -16.23 -21.47
N SER E 124 -0.81 -15.39 -20.44
CA SER E 124 -1.87 -15.25 -19.46
C SER E 124 -2.43 -13.84 -19.38
N SER E 125 -1.89 -12.88 -20.14
CA SER E 125 -2.36 -11.51 -20.06
C SER E 125 -1.98 -10.78 -21.33
N ILE E 126 -2.95 -10.05 -21.89
CA ILE E 126 -2.75 -9.23 -23.08
C ILE E 126 -3.57 -7.97 -22.95
N GLY E 127 -2.90 -6.81 -23.03
CA GLY E 127 -3.57 -5.54 -22.86
C GLY E 127 -3.01 -4.49 -23.80
N LYS E 128 -3.62 -3.31 -23.75
CA LYS E 128 -3.23 -2.21 -24.63
C LYS E 128 -3.20 -0.91 -23.83
N ALA E 129 -2.56 0.09 -24.40
CA ALA E 129 -2.48 1.42 -23.79
C ALA E 129 -2.61 2.45 -24.90
N VAL E 130 -3.66 3.26 -24.84
CA VAL E 130 -3.95 4.26 -25.86
C VAL E 130 -3.69 5.64 -25.27
N THR E 131 -2.75 6.37 -25.87
CA THR E 131 -2.43 7.72 -25.44
C THR E 131 -2.32 8.60 -26.68
N ALA E 132 -2.65 9.88 -26.51
CA ALA E 132 -2.74 10.79 -27.66
C ALA E 132 -1.39 10.97 -28.34
N LYS E 133 -0.31 11.12 -27.56
CA LYS E 133 0.99 11.48 -28.11
C LYS E 133 1.98 10.33 -28.12
N GLU E 134 1.56 9.13 -27.73
CA GLU E 134 2.46 7.97 -27.69
C GLU E 134 1.94 6.91 -28.65
N VAL E 135 2.85 6.05 -29.11
CA VAL E 135 2.43 4.93 -29.95
C VAL E 135 1.60 3.96 -29.13
N ILE E 136 0.63 3.31 -29.77
CA ILE E 136 -0.18 2.32 -29.08
C ILE E 136 0.69 1.12 -28.75
N THR E 137 0.64 0.70 -27.49
CA THR E 137 1.48 -0.38 -27.00
C THR E 137 0.64 -1.59 -26.63
N ARG E 138 1.18 -2.77 -26.89
CA ARG E 138 0.55 -4.03 -26.51
C ARG E 138 1.41 -4.71 -25.46
N THR E 139 0.88 -4.86 -24.25
CA THR E 139 1.59 -5.50 -23.16
C THR E 139 1.17 -6.95 -23.05
N VAL E 140 2.15 -7.84 -22.96
CA VAL E 140 1.90 -9.29 -22.93
C VAL E 140 2.65 -9.87 -21.75
N LYS E 141 2.03 -10.84 -21.08
CA LYS E 141 2.66 -11.56 -19.98
C LYS E 141 2.46 -13.05 -20.19
N VAL E 142 3.52 -13.82 -19.98
CA VAL E 142 3.52 -15.25 -20.21
C VAL E 142 3.92 -15.95 -18.92
N THR E 143 3.14 -16.95 -18.53
CA THR E 143 3.45 -17.79 -17.38
C THR E 143 4.12 -19.07 -17.84
N ASN E 144 5.25 -19.38 -17.24
CA ASN E 144 6.09 -20.50 -17.65
C ASN E 144 5.64 -21.79 -17.00
N VAL E 145 6.02 -22.91 -17.60
CA VAL E 145 5.60 -24.23 -17.15
C VAL E 145 6.76 -24.98 -16.53
N GLY E 146 7.90 -24.32 -16.40
CA GLY E 146 9.01 -24.91 -15.67
C GLY E 146 10.15 -25.42 -16.53
N ARG E 147 11.27 -25.73 -15.88
CA ARG E 147 12.46 -26.24 -16.54
C ARG E 147 12.96 -25.31 -17.65
N PRO E 148 13.41 -24.10 -17.32
CA PRO E 148 13.94 -23.22 -18.35
C PRO E 148 15.33 -23.66 -18.79
N SER E 149 15.68 -23.30 -20.02
CA SER E 149 17.02 -23.56 -20.55
C SER E 149 17.81 -22.27 -20.44
N MET E 150 18.38 -22.05 -19.25
CA MET E 150 19.12 -20.83 -19.00
C MET E 150 20.33 -20.73 -19.91
N ALA E 151 20.83 -19.51 -20.07
CA ALA E 151 21.95 -19.26 -20.96
C ALA E 151 23.22 -19.96 -20.51
N GLU E 152 23.43 -20.14 -19.19
CA GLU E 152 24.71 -20.69 -18.76
C GLU E 152 24.73 -22.21 -18.74
N ASP E 153 23.65 -22.86 -19.13
CA ASP E 153 23.74 -24.27 -19.50
C ASP E 153 24.43 -24.48 -20.83
N ARG E 154 24.66 -23.40 -21.58
CA ARG E 154 25.41 -23.44 -22.83
C ARG E 154 24.82 -24.43 -23.82
N MET F 1 -0.12 9.09 -43.55
CA MET F 1 -1.55 9.27 -43.28
C MET F 1 -2.40 8.03 -43.65
N PRO F 2 -2.16 7.43 -44.82
CA PRO F 2 -2.86 6.16 -45.11
C PRO F 2 -2.52 5.12 -44.06
N THR F 3 -3.56 4.52 -43.49
CA THR F 3 -3.42 3.72 -42.27
C THR F 3 -2.64 2.43 -42.52
N PRO F 4 -1.40 2.32 -42.03
CA PRO F 4 -0.66 1.06 -42.17
C PRO F 4 -0.89 0.13 -40.99
N ASN F 5 -1.49 -1.03 -41.23
CA ASN F 5 -1.58 -2.03 -40.17
C ASN F 5 -0.22 -2.57 -39.75
N PRO F 6 0.70 -2.94 -40.66
CA PRO F 6 2.00 -3.44 -40.21
C PRO F 6 2.87 -2.40 -39.52
N LEU F 7 2.52 -1.12 -39.60
CA LEU F 7 3.42 -0.17 -38.96
C LEU F 7 2.82 0.36 -37.67
N PRO F 8 3.66 0.68 -36.68
CA PRO F 8 3.13 1.26 -35.44
C PRO F 8 2.52 2.62 -35.67
N VAL F 9 1.51 2.96 -34.87
CA VAL F 9 0.77 4.19 -35.02
C VAL F 9 0.62 4.86 -33.66
N LYS F 10 0.42 6.18 -33.69
CA LYS F 10 0.13 6.94 -32.49
C LYS F 10 -1.34 6.80 -32.13
N GLY F 11 -1.65 7.03 -30.85
CA GLY F 11 -2.98 6.77 -30.37
C GLY F 11 -3.97 7.87 -30.72
N ALA F 12 -3.48 9.02 -31.17
CA ALA F 12 -4.34 10.15 -31.48
C ALA F 12 -5.32 9.81 -32.59
N GLY F 13 -6.61 10.02 -32.32
CA GLY F 13 -7.67 9.73 -33.26
C GLY F 13 -8.57 8.57 -32.87
N THR F 14 -8.33 7.93 -31.73
CA THR F 14 -9.16 6.82 -31.29
C THR F 14 -10.56 7.31 -30.95
N THR F 15 -11.57 6.57 -31.38
CA THR F 15 -12.97 6.93 -31.17
C THR F 15 -13.72 5.76 -30.55
N LEU F 16 -14.85 6.07 -29.93
CA LEU F 16 -15.69 5.08 -29.27
C LEU F 16 -17.08 5.07 -29.91
N TRP F 17 -17.72 3.90 -29.90
CA TRP F 17 -19.06 3.76 -30.44
C TRP F 17 -19.84 2.73 -29.62
N VAL F 18 -21.16 2.86 -29.65
CA VAL F 18 -22.08 1.96 -28.97
C VAL F 18 -23.11 1.48 -29.99
N TYR F 19 -23.46 0.20 -29.93
CA TYR F 19 -24.39 -0.37 -30.91
C TYR F 19 -25.79 0.17 -30.67
N LYS F 20 -26.48 0.54 -31.74
CA LYS F 20 -27.81 1.14 -31.60
C LYS F 20 -28.89 0.10 -31.35
N GLY F 21 -28.59 -1.16 -31.64
CA GLY F 21 -29.53 -2.22 -31.28
C GLY F 21 -29.99 -3.15 -32.38
N ASN F 22 -29.24 -3.23 -33.47
CA ASN F 22 -29.55 -4.20 -34.51
C ASN F 22 -28.96 -5.56 -34.13
N GLY F 23 -28.92 -6.50 -35.07
CA GLY F 23 -28.40 -7.82 -34.81
C GLY F 23 -27.01 -8.03 -35.37
N ASP F 24 -26.31 -9.00 -34.78
CA ASP F 24 -24.98 -9.44 -35.18
C ASP F 24 -23.97 -8.29 -35.13
N PRO F 25 -23.59 -7.82 -33.93
CA PRO F 25 -22.59 -6.74 -33.85
C PRO F 25 -21.23 -7.16 -34.36
N TYR F 26 -20.84 -8.42 -34.22
CA TYR F 26 -19.50 -8.85 -34.61
C TYR F 26 -19.36 -8.94 -36.13
N ALA F 27 -20.47 -9.01 -36.86
CA ALA F 27 -20.41 -9.07 -38.31
C ALA F 27 -20.36 -7.65 -38.89
N ASN F 28 -19.37 -7.42 -39.74
CA ASN F 28 -19.12 -6.13 -40.35
C ASN F 28 -19.01 -5.06 -39.27
N PRO F 29 -17.90 -5.02 -38.52
CA PRO F 29 -17.70 -3.96 -37.52
C PRO F 29 -17.07 -2.69 -38.08
N LEU F 30 -16.66 -2.68 -39.35
CA LEU F 30 -15.97 -1.55 -39.95
C LEU F 30 -16.93 -0.54 -40.58
N SER F 31 -18.23 -0.72 -40.39
CA SER F 31 -19.23 0.21 -40.87
C SER F 31 -19.97 0.82 -39.69
N ASP F 32 -20.11 2.14 -39.70
CA ASP F 32 -20.76 2.88 -38.63
C ASP F 32 -22.22 3.16 -38.94
N VAL F 33 -22.88 2.28 -39.67
CA VAL F 33 -24.24 2.56 -40.13
C VAL F 33 -25.23 2.49 -38.97
N ASP F 34 -24.88 1.79 -37.90
CA ASP F 34 -25.76 1.61 -36.76
C ASP F 34 -25.02 1.74 -35.43
N TRP F 35 -24.05 2.62 -35.35
CA TRP F 35 -23.26 2.83 -34.14
C TRP F 35 -23.31 4.30 -33.76
N SER F 36 -23.78 4.59 -32.55
CA SER F 36 -23.73 5.94 -32.02
C SER F 36 -22.32 6.23 -31.50
N ARG F 37 -21.93 7.50 -31.57
CA ARG F 37 -20.58 7.93 -31.23
C ARG F 37 -20.58 8.61 -29.87
N LEU F 38 -19.56 8.30 -29.06
CA LEU F 38 -19.35 8.96 -27.77
C LEU F 38 -18.23 9.97 -27.95
N ALA F 39 -18.60 11.21 -28.24
CA ALA F 39 -17.63 12.24 -28.56
C ALA F 39 -16.96 12.76 -27.29
N LYS F 40 -15.90 13.55 -27.49
CA LYS F 40 -15.16 14.21 -26.41
C LYS F 40 -14.62 13.19 -25.41
N VAL F 41 -13.69 12.36 -25.88
CA VAL F 41 -13.04 11.36 -25.05
C VAL F 41 -11.73 11.94 -24.53
N LYS F 42 -11.58 11.94 -23.21
CA LYS F 42 -10.35 12.43 -22.58
C LYS F 42 -9.26 11.35 -22.55
N ASP F 43 -9.57 10.20 -21.97
CA ASP F 43 -8.64 9.07 -22.00
C ASP F 43 -9.43 7.76 -22.00
N LEU F 44 -8.76 6.70 -22.40
CA LEU F 44 -9.41 5.40 -22.59
C LEU F 44 -8.40 4.30 -22.30
N THR F 45 -8.76 3.40 -21.39
CA THR F 45 -7.96 2.22 -21.08
C THR F 45 -8.76 0.99 -21.47
N PRO F 46 -8.36 0.26 -22.51
CA PRO F 46 -9.13 -0.91 -22.95
C PRO F 46 -9.02 -2.05 -21.95
N GLY F 47 -9.83 -3.07 -22.18
CA GLY F 47 -9.84 -4.22 -21.29
C GLY F 47 -8.57 -5.03 -21.38
N GLU F 48 -8.23 -5.68 -20.27
CA GLU F 48 -7.06 -6.54 -20.18
C GLU F 48 -7.53 -7.99 -20.18
N LEU F 49 -7.18 -8.71 -21.24
CA LEU F 49 -7.59 -10.11 -21.38
C LEU F 49 -6.68 -10.99 -20.52
N THR F 50 -7.18 -11.41 -19.37
CA THR F 50 -6.41 -12.22 -18.43
C THR F 50 -6.87 -13.68 -18.51
N ALA F 51 -6.21 -14.53 -17.74
CA ALA F 51 -6.55 -15.94 -17.70
C ALA F 51 -6.14 -16.52 -16.35
N GLU F 52 -6.95 -17.44 -15.85
CA GLU F 52 -6.68 -18.08 -14.57
C GLU F 52 -5.81 -19.31 -14.77
N SER F 53 -4.79 -19.45 -13.93
CA SER F 53 -3.94 -20.63 -14.01
C SER F 53 -4.66 -21.84 -13.46
N TYR F 54 -4.56 -22.96 -14.17
CA TYR F 54 -5.17 -24.21 -13.78
C TYR F 54 -4.09 -25.21 -13.42
N ASP F 55 -4.21 -25.79 -12.22
CA ASP F 55 -3.18 -26.69 -11.71
C ASP F 55 -3.26 -28.03 -12.42
N ASP F 56 -2.11 -28.55 -12.86
CA ASP F 56 -2.04 -29.80 -13.60
C ASP F 56 -1.05 -30.79 -13.00
N SER F 57 -0.84 -30.76 -11.69
CA SER F 57 0.10 -31.65 -11.03
C SER F 57 -0.66 -32.77 -10.34
N TYR F 58 -0.26 -34.01 -10.62
CA TYR F 58 -0.80 -35.18 -9.97
C TYR F 58 0.23 -35.75 -9.00
N LEU F 59 -0.23 -36.65 -8.13
CA LEU F 59 0.70 -37.34 -7.24
C LEU F 59 1.55 -38.34 -7.99
N ASP F 60 1.03 -38.89 -9.09
CA ASP F 60 1.70 -39.97 -9.80
C ASP F 60 2.86 -39.50 -10.66
N ASP F 61 2.94 -38.21 -10.98
CA ASP F 61 3.97 -37.73 -11.89
C ASP F 61 5.35 -37.85 -11.24
N GLU F 62 6.39 -37.91 -12.08
CA GLU F 62 7.74 -38.10 -11.57
C GLU F 62 8.42 -36.77 -11.31
N ASP F 63 8.21 -35.78 -12.17
CA ASP F 63 8.86 -34.49 -12.06
C ASP F 63 8.01 -33.57 -11.19
N ALA F 64 8.30 -33.56 -9.90
CA ALA F 64 7.60 -32.70 -8.94
C ALA F 64 8.47 -31.53 -8.48
N ASP F 65 9.50 -31.18 -9.25
CA ASP F 65 10.40 -30.10 -8.87
C ASP F 65 9.95 -28.75 -9.39
N TRP F 66 9.25 -28.70 -10.52
CA TRP F 66 8.83 -27.45 -11.13
C TRP F 66 7.32 -27.44 -11.28
N THR F 67 6.71 -26.29 -11.01
CA THR F 67 5.26 -26.15 -11.12
C THR F 67 4.84 -26.30 -12.58
N ALA F 68 3.80 -27.09 -12.80
CA ALA F 68 3.21 -27.28 -14.12
C ALA F 68 1.77 -26.81 -14.08
N THR F 69 1.43 -25.86 -14.96
CA THR F 69 0.10 -25.28 -15.00
C THR F 69 -0.36 -25.19 -16.44
N GLY F 70 -1.60 -24.77 -16.63
CA GLY F 70 -2.17 -24.61 -17.96
C GLY F 70 -3.25 -23.57 -17.93
N GLN F 71 -3.45 -22.91 -19.07
CA GLN F 71 -4.43 -21.83 -19.15
C GLN F 71 -5.83 -22.35 -18.91
N GLY F 72 -6.65 -21.55 -18.23
CA GLY F 72 -8.01 -21.94 -17.95
C GLY F 72 -8.94 -20.78 -17.67
N GLN F 73 -10.09 -20.75 -18.36
CA GLN F 73 -11.16 -19.78 -18.13
C GLN F 73 -10.63 -18.35 -18.30
N LYS F 74 -10.28 -18.06 -19.55
CA LYS F 74 -9.84 -16.72 -19.91
C LYS F 74 -10.98 -15.73 -19.72
N SER F 75 -10.65 -14.50 -19.34
CA SER F 75 -11.65 -13.49 -19.03
C SER F 75 -11.21 -12.15 -19.60
N ALA F 76 -12.12 -11.47 -20.29
CA ALA F 76 -11.88 -10.09 -20.68
C ALA F 76 -12.08 -9.17 -19.48
N GLY F 77 -11.24 -8.16 -19.37
CA GLY F 77 -11.22 -7.28 -18.22
C GLY F 77 -12.20 -6.13 -18.34
N ASP F 78 -11.91 -5.05 -17.62
CA ASP F 78 -12.74 -3.86 -17.61
C ASP F 78 -12.16 -2.79 -18.54
N THR F 79 -13.04 -2.09 -19.23
CA THR F 79 -12.65 -0.99 -20.11
C THR F 79 -13.14 0.31 -19.48
N SER F 80 -12.22 1.24 -19.26
CA SER F 80 -12.52 2.46 -18.53
C SER F 80 -12.20 3.68 -19.38
N PHE F 81 -13.20 4.51 -19.63
CA PHE F 81 -13.00 5.71 -20.45
C PHE F 81 -13.62 6.91 -19.76
N THR F 82 -13.00 8.07 -19.97
CA THR F 82 -13.46 9.32 -19.39
C THR F 82 -13.89 10.26 -20.51
N LEU F 83 -15.10 10.79 -20.41
CA LEU F 83 -15.63 11.75 -21.38
C LEU F 83 -15.83 13.10 -20.73
N ALA F 84 -16.08 14.11 -21.56
CA ALA F 84 -16.50 15.40 -21.09
C ALA F 84 -18.00 15.37 -20.79
N TRP F 85 -18.38 15.92 -19.65
CA TRP F 85 -19.76 15.80 -19.17
C TRP F 85 -20.67 16.65 -20.04
N MET F 86 -21.48 15.99 -20.86
CA MET F 86 -22.44 16.67 -21.73
C MET F 86 -23.80 16.00 -21.56
N PRO F 87 -24.60 16.42 -20.58
CA PRO F 87 -25.85 15.71 -20.30
C PRO F 87 -26.84 15.75 -21.46
N GLY F 88 -26.83 16.81 -22.26
CA GLY F 88 -27.75 16.89 -23.38
C GLY F 88 -27.38 16.03 -24.57
N GLU F 89 -26.17 15.50 -24.60
CA GLU F 89 -25.76 14.64 -25.70
C GLU F 89 -26.53 13.34 -25.68
N GLN F 90 -26.94 12.87 -26.86
CA GLN F 90 -27.70 11.64 -26.94
C GLN F 90 -26.87 10.44 -26.50
N GLY F 91 -25.56 10.50 -26.73
CA GLY F 91 -24.71 9.37 -26.37
C GLY F 91 -24.69 9.11 -24.87
N GLN F 92 -24.55 10.15 -24.07
CA GLN F 92 -24.48 9.96 -22.62
C GLN F 92 -25.84 9.60 -22.03
N GLN F 93 -26.92 10.15 -22.59
CA GLN F 93 -28.25 9.71 -22.17
C GLN F 93 -28.45 8.24 -22.47
N ALA F 94 -28.02 7.79 -23.65
CA ALA F 94 -28.07 6.37 -23.95
C ALA F 94 -27.17 5.57 -23.02
N LEU F 95 -26.05 6.15 -22.60
CA LEU F 95 -25.13 5.45 -21.71
C LEU F 95 -25.75 5.21 -20.33
N LEU F 96 -26.44 6.21 -19.77
CA LEU F 96 -27.10 5.98 -18.49
C LEU F 96 -28.40 5.20 -18.64
N ALA F 97 -29.03 5.25 -19.82
CA ALA F 97 -30.09 4.27 -20.08
C ALA F 97 -29.55 2.86 -20.05
N TRP F 98 -28.36 2.66 -20.62
CA TRP F 98 -27.66 1.38 -20.55
C TRP F 98 -27.37 1.00 -19.10
N PHE F 99 -26.91 1.96 -18.30
CA PHE F 99 -26.61 1.66 -16.89
C PHE F 99 -27.87 1.29 -16.12
N ASN F 100 -28.98 1.99 -16.34
CA ASN F 100 -30.17 1.76 -15.55
C ASN F 100 -31.01 0.62 -16.12
N GLU F 101 -30.62 0.10 -17.29
CA GLU F 101 -31.35 -1.04 -17.84
C GLU F 101 -30.68 -2.36 -17.46
N GLY F 102 -29.35 -2.39 -17.43
CA GLY F 102 -28.64 -3.58 -17.03
C GLY F 102 -28.27 -4.53 -18.13
N ASP F 103 -28.72 -4.29 -19.35
CA ASP F 103 -28.42 -5.19 -20.45
C ASP F 103 -26.95 -5.06 -20.85
N THR F 104 -26.47 -6.07 -21.58
CA THR F 104 -25.12 -6.07 -22.12
C THR F 104 -25.17 -5.62 -23.57
N ARG F 105 -24.43 -4.56 -23.88
CA ARG F 105 -24.41 -3.97 -25.20
C ARG F 105 -23.00 -4.12 -25.79
N ALA F 106 -22.91 -3.89 -27.10
CA ALA F 106 -21.66 -4.03 -27.83
C ALA F 106 -21.09 -2.65 -28.13
N TYR F 107 -19.89 -2.39 -27.61
CA TYR F 107 -19.20 -1.14 -27.85
C TYR F 107 -17.92 -1.39 -28.65
N LYS F 108 -17.62 -0.46 -29.54
CA LYS F 108 -16.50 -0.57 -30.47
C LYS F 108 -15.50 0.54 -30.21
N ILE F 109 -14.22 0.21 -30.34
CA ILE F 109 -13.12 1.17 -30.28
C ILE F 109 -12.51 1.21 -31.66
N ARG F 110 -12.52 2.39 -32.28
CA ARG F 110 -11.97 2.57 -33.62
C ARG F 110 -10.63 3.28 -33.52
N PHE F 111 -9.57 2.58 -33.88
CA PHE F 111 -8.22 3.11 -33.82
C PHE F 111 -7.90 3.89 -35.08
N PRO F 112 -6.82 4.69 -35.06
CA PRO F 112 -6.45 5.42 -36.29
C PRO F 112 -6.15 4.51 -37.47
N ASN F 113 -5.79 3.24 -37.22
CA ASN F 113 -5.62 2.29 -38.30
C ASN F 113 -6.99 1.87 -38.84
N GLY F 114 -6.98 1.00 -39.85
CA GLY F 114 -8.21 0.44 -40.36
C GLY F 114 -8.66 -0.76 -39.58
N THR F 115 -8.59 -0.68 -38.25
CA THR F 115 -8.91 -1.81 -37.39
C THR F 115 -9.85 -1.35 -36.28
N VAL F 116 -10.67 -2.29 -35.80
CA VAL F 116 -11.65 -2.01 -34.78
C VAL F 116 -11.54 -3.05 -33.68
N ASP F 117 -12.02 -2.70 -32.49
CA ASP F 117 -12.01 -3.57 -31.32
C ASP F 117 -13.43 -3.60 -30.76
N VAL F 118 -14.13 -4.71 -30.95
CA VAL F 118 -15.52 -4.83 -30.54
C VAL F 118 -15.60 -5.69 -29.29
N PHE F 119 -16.27 -5.17 -28.26
CA PHE F 119 -16.51 -5.92 -27.03
C PHE F 119 -17.99 -5.88 -26.71
N ARG F 120 -18.42 -6.86 -25.92
CA ARG F 120 -19.78 -6.89 -25.38
C ARG F 120 -19.69 -6.87 -23.87
N GLY F 121 -20.40 -5.96 -23.23
CA GLY F 121 -20.32 -5.86 -21.79
C GLY F 121 -21.43 -5.00 -21.22
N TRP F 122 -21.41 -4.88 -19.90
CA TRP F 122 -22.35 -4.06 -19.15
C TRP F 122 -21.59 -3.07 -18.31
N VAL F 123 -22.09 -1.84 -18.22
CA VAL F 123 -21.40 -0.81 -17.46
C VAL F 123 -21.57 -1.07 -15.97
N SER F 124 -20.48 -0.97 -15.22
CA SER F 124 -20.46 -1.27 -13.81
C SER F 124 -20.04 -0.11 -12.93
N SER F 125 -19.70 1.04 -13.51
CA SER F 125 -19.24 2.17 -12.71
C SER F 125 -19.42 3.45 -13.51
N ILE F 126 -19.99 4.47 -12.87
CA ILE F 126 -20.19 5.78 -13.48
C ILE F 126 -19.97 6.84 -12.41
N GLY F 127 -19.04 7.76 -12.65
CA GLY F 127 -18.71 8.77 -11.68
C GLY F 127 -18.41 10.10 -12.35
N LYS F 128 -18.16 11.10 -11.53
CA LYS F 128 -17.91 12.46 -12.00
C LYS F 128 -16.76 13.07 -11.22
N ALA F 129 -16.20 14.14 -11.77
CA ALA F 129 -15.11 14.87 -11.12
C ALA F 129 -15.35 16.36 -11.35
N VAL F 130 -15.55 17.11 -10.27
CA VAL F 130 -15.86 18.53 -10.34
C VAL F 130 -14.65 19.31 -9.84
N THR F 131 -14.07 20.13 -10.69
CA THR F 131 -12.94 20.97 -10.33
C THR F 131 -13.17 22.37 -10.87
N ALA F 132 -12.63 23.37 -10.16
CA ALA F 132 -12.94 24.76 -10.48
C ALA F 132 -12.43 25.15 -11.86
N LYS F 133 -11.22 24.71 -12.23
CA LYS F 133 -10.57 25.17 -13.46
C LYS F 133 -10.55 24.12 -14.56
N GLU F 134 -11.16 22.96 -14.35
CA GLU F 134 -11.18 21.89 -15.34
C GLU F 134 -12.61 21.62 -15.76
N VAL F 135 -12.77 21.07 -16.97
CA VAL F 135 -14.09 20.67 -17.43
C VAL F 135 -14.59 19.50 -16.59
N ILE F 136 -15.90 19.45 -16.37
CA ILE F 136 -16.48 18.34 -15.63
C ILE F 136 -16.34 17.07 -16.45
N THR F 137 -15.82 16.02 -15.83
CA THR F 137 -15.54 14.77 -16.51
C THR F 137 -16.43 13.67 -15.98
N ARG F 138 -16.85 12.78 -16.87
CA ARG F 138 -17.65 11.60 -16.52
C ARG F 138 -16.81 10.37 -16.80
N THR F 139 -16.47 9.63 -15.74
CA THR F 139 -15.69 8.40 -15.87
C THR F 139 -16.62 7.20 -15.88
N VAL F 140 -16.41 6.30 -16.83
CA VAL F 140 -17.26 5.14 -17.03
C VAL F 140 -16.38 3.91 -17.12
N LYS F 141 -16.84 2.81 -16.53
CA LYS F 141 -16.14 1.54 -16.61
C LYS F 141 -17.14 0.45 -16.98
N VAL F 142 -16.74 -0.42 -17.91
CA VAL F 142 -17.61 -1.46 -18.44
C VAL F 142 -16.93 -2.81 -18.22
N THR F 143 -17.68 -3.76 -17.66
CA THR F 143 -17.20 -5.12 -17.49
C THR F 143 -17.70 -5.98 -18.63
N ASN F 144 -16.79 -6.71 -19.27
CA ASN F 144 -17.10 -7.49 -20.46
C ASN F 144 -17.63 -8.86 -20.09
N VAL F 145 -18.32 -9.49 -21.05
CA VAL F 145 -18.96 -10.77 -20.83
C VAL F 145 -18.25 -11.87 -21.61
N GLY F 146 -17.14 -11.52 -22.24
CA GLY F 146 -16.31 -12.54 -22.86
C GLY F 146 -16.39 -12.61 -24.37
N ARG F 147 -15.46 -13.34 -24.97
CA ARG F 147 -15.38 -13.53 -26.41
C ARG F 147 -15.30 -12.20 -27.16
N PRO F 148 -14.21 -11.45 -27.00
CA PRO F 148 -14.06 -10.20 -27.74
C PRO F 148 -13.69 -10.47 -29.19
N SER F 149 -14.06 -9.52 -30.06
CA SER F 149 -13.68 -9.59 -31.47
C SER F 149 -12.48 -8.68 -31.67
N MET F 150 -11.30 -9.22 -31.40
CA MET F 150 -10.08 -8.45 -31.49
C MET F 150 -9.84 -7.99 -32.92
N ALA F 151 -9.02 -6.95 -33.05
CA ALA F 151 -8.75 -6.38 -34.36
C ALA F 151 -8.03 -7.34 -35.29
N GLU F 152 -7.20 -8.25 -34.77
CA GLU F 152 -6.43 -9.09 -35.68
C GLU F 152 -7.17 -10.35 -36.10
N ASP F 153 -8.40 -10.54 -35.66
CA ASP F 153 -9.27 -11.52 -36.32
C ASP F 153 -9.76 -11.01 -37.67
N ARG F 154 -9.54 -9.73 -37.97
CA ARG F 154 -9.85 -9.13 -39.26
C ARG F 154 -11.32 -9.33 -39.64
#